data_4LLW
#
_entry.id   4LLW
#
_cell.length_a   85.596
_cell.length_b   71.179
_cell.length_c   90.924
_cell.angle_alpha   90.00
_cell.angle_beta   99.28
_cell.angle_gamma   90.00
#
_symmetry.space_group_name_H-M   'P 1 21 1'
#
loop_
_entity.id
_entity.type
_entity.pdbx_description
1 polymer 'mutated Pertuzumab Fab heavy chain'
2 polymer 'light chain Clambda'
3 non-polymer 'SULFATE ION'
4 water water
#
loop_
_entity_poly.entity_id
_entity_poly.type
_entity_poly.pdbx_seq_one_letter_code
_entity_poly.pdbx_strand_id
1 'polypeptide(L)'
;EVQLVESGGGLVQPGGSLRLSCAASGFTFTDYTMDWVRYAPGKGLEWVADVNPNSGGSIYNQRFKGRFTLSVDRSKNTLY
LQMNSLRAEDTAVYYCARNLGPSFYFDYWGQGTLVTVSSASTKGPSVFPLAPSSKSTSGGTAALGCLVKDYFPEPVTVSW
NSGALTSGVHTFPAVLQSSGLYSLSSVVTVPSSSLGTQTYICNVNHKPSNTKVDKKVEPKSCDKTH
;
A,C
2 'polypeptide(L)'
;DIQMTQSPSSLSASVGDRVTITCKASQDVSIGVAWYQRKPGKAPKLLIYSASYRYTGVPSRFSGSGSGTDFTLTISSLQP
EDFATYYCQQYYIYPYTFGQGTKVEIKGQPKAAPSVTLFPPSSEELQANKATLVCLISDFYPGAVTVAWKADSSPVKAGV
ETTTPSKQSNNKYAASSYLSLTPEQWKSHRSYSCQVTHEGSTVEKTVAPTEC
;
B,D
#
# COMPACT_ATOMS: atom_id res chain seq x y z
N GLU A 1 -2.25 43.91 -3.39
CA GLU A 1 -1.03 44.54 -2.78
C GLU A 1 -0.23 43.53 -1.96
N VAL A 2 -0.80 43.01 -0.86
CA VAL A 2 -0.17 41.93 -0.08
C VAL A 2 -0.21 40.60 -0.85
N GLN A 3 0.96 40.05 -1.16
CA GLN A 3 1.03 38.74 -1.84
C GLN A 3 1.94 37.75 -1.12
N LEU A 4 1.51 36.49 -1.09
CA LEU A 4 2.33 35.37 -0.62
C LEU A 4 2.37 34.31 -1.71
N VAL A 5 3.54 34.10 -2.30
CA VAL A 5 3.70 33.16 -3.40
C VAL A 5 4.51 31.98 -2.91
N GLU A 6 3.90 30.80 -2.90
CA GLU A 6 4.61 29.63 -2.41
C GLU A 6 5.23 28.87 -3.55
N SER A 7 6.29 28.13 -3.25
CA SER A 7 6.78 27.11 -4.16
C SER A 7 7.40 25.98 -3.34
N GLY A 8 7.57 24.84 -3.97
CA GLY A 8 8.40 23.77 -3.44
C GLY A 8 7.69 22.45 -3.26
N GLY A 9 6.41 22.38 -3.56
CA GLY A 9 5.71 21.12 -3.38
C GLY A 9 6.28 20.02 -4.27
N GLY A 10 5.89 18.78 -4.00
CA GLY A 10 6.21 17.65 -4.85
C GLY A 10 5.98 16.34 -4.12
N LEU A 11 6.46 15.27 -4.74
CA LEU A 11 6.39 13.95 -4.14
C LEU A 11 7.67 13.70 -3.34
N VAL A 12 7.55 12.99 -2.23
CA VAL A 12 8.73 12.65 -1.46
C VAL A 12 8.35 11.32 -0.79
N GLN A 13 9.33 10.48 -0.52
CA GLN A 13 9.05 9.17 0.13
C GLN A 13 9.00 9.32 1.65
N PRO A 14 8.36 8.36 2.37
CA PRO A 14 8.36 8.41 3.83
C PRO A 14 9.79 8.52 4.39
N GLY A 15 9.99 9.42 5.35
CA GLY A 15 11.32 9.63 5.95
C GLY A 15 12.10 10.71 5.26
N GLY A 16 11.63 11.15 4.12
CA GLY A 16 12.34 12.17 3.36
C GLY A 16 12.11 13.55 3.90
N SER A 17 12.70 14.52 3.23
CA SER A 17 12.70 15.90 3.68
C SER A 17 12.33 16.77 2.52
N LEU A 18 11.71 17.91 2.79
CA LEU A 18 11.28 18.82 1.75
C LEU A 18 11.15 20.18 2.36
N ARG A 19 11.49 21.17 1.56
CA ARG A 19 11.46 22.54 2.00
C ARG A 19 10.54 23.35 1.11
N LEU A 20 9.66 24.13 1.74
CA LEU A 20 8.71 24.97 1.08
C LEU A 20 9.08 26.42 1.33
N SER A 21 8.75 27.26 0.36
CA SER A 21 9.12 28.67 0.35
C SER A 21 7.86 29.48 0.24
N CYS A 22 7.84 30.60 0.96
CA CYS A 22 6.79 31.57 0.85
C CYS A 22 7.41 32.95 0.57
N ALA A 23 7.30 33.42 -0.67
CA ALA A 23 7.86 34.75 -1.00
C ALA A 23 6.80 35.81 -0.73
N ALA A 24 7.14 36.76 0.13
CA ALA A 24 6.18 37.80 0.53
C ALA A 24 6.47 39.14 -0.13
N SER A 25 5.43 39.95 -0.27
CA SER A 25 5.57 41.29 -0.82
C SER A 25 4.37 42.16 -0.46
N GLY A 26 4.58 43.48 -0.45
CA GLY A 26 3.51 44.44 -0.17
C GLY A 26 3.29 44.70 1.31
N PHE A 27 4.30 44.45 2.12
CA PHE A 27 4.23 44.74 3.54
C PHE A 27 5.62 44.60 4.16
N THR A 28 5.85 45.27 5.28
CA THR A 28 7.11 45.12 6.01
C THR A 28 7.11 43.72 6.57
N PHE A 29 7.94 42.87 5.95
CA PHE A 29 8.04 41.45 6.28
C PHE A 29 8.23 41.16 7.77
N THR A 30 9.08 41.93 8.44
CA THR A 30 9.45 41.60 9.82
C THR A 30 8.44 42.08 10.85
N ASP A 31 7.48 42.89 10.41
CA ASP A 31 6.47 43.44 11.30
C ASP A 31 5.35 42.47 11.67
N TYR A 32 5.32 41.27 11.10
CA TYR A 32 4.18 40.33 11.34
C TYR A 32 4.64 38.92 11.61
N THR A 33 3.93 38.19 12.47
CA THR A 33 4.21 36.75 12.60
C THR A 33 3.55 36.01 11.44
N MET A 34 4.14 34.91 11.00
CA MET A 34 3.64 34.21 9.80
C MET A 34 3.49 32.78 10.18
N ASP A 35 2.76 32.03 9.37
CA ASP A 35 2.35 30.74 9.79
C ASP A 35 2.39 29.80 8.61
N TRP A 36 2.37 28.51 8.93
CA TRP A 36 1.94 27.49 7.97
C TRP A 36 0.71 26.78 8.51
N VAL A 37 -0.20 26.45 7.58
CA VAL A 37 -1.49 25.83 7.84
C VAL A 37 -1.65 24.80 6.71
N ARG A 38 -2.00 23.56 7.05
CA ARG A 38 -2.23 22.57 6.00
C ARG A 38 -3.71 22.17 5.84
N TYR A 39 -4.05 21.73 4.63
CA TYR A 39 -5.38 21.23 4.32
C TYR A 39 -5.29 19.88 3.65
N ALA A 40 -6.12 18.96 4.10
CA ALA A 40 -6.27 17.65 3.45
C ALA A 40 -7.76 17.30 3.34
N PRO A 41 -8.19 16.79 2.17
CA PRO A 41 -9.57 16.31 1.99
C PRO A 41 -9.99 15.40 3.14
N GLY A 42 -11.11 15.73 3.77
CA GLY A 42 -11.64 14.96 4.89
C GLY A 42 -10.81 15.06 6.15
N LYS A 43 -9.86 15.99 6.20
CA LYS A 43 -9.16 16.20 7.47
C LYS A 43 -9.20 17.66 7.87
N GLY A 44 -9.77 18.48 6.99
CA GLY A 44 -9.92 19.91 7.23
C GLY A 44 -8.59 20.65 7.34
N LEU A 45 -8.58 21.63 8.23
CA LEU A 45 -7.47 22.56 8.35
C LEU A 45 -6.71 22.34 9.63
N GLU A 46 -5.39 22.32 9.54
CA GLU A 46 -4.54 22.24 10.71
C GLU A 46 -3.41 23.30 10.72
N TRP A 47 -3.44 24.20 11.69
CA TRP A 47 -2.28 25.07 11.95
C TRP A 47 -1.02 24.27 12.30
N VAL A 48 0.09 24.61 11.63
CA VAL A 48 1.36 23.85 11.72
C VAL A 48 2.36 24.52 12.67
N ALA A 49 2.62 25.81 12.44
CA ALA A 49 3.73 26.52 13.16
C ALA A 49 3.63 28.00 12.87
N ASP A 50 4.24 28.84 13.72
CA ASP A 50 4.39 30.27 13.37
C ASP A 50 5.83 30.68 13.68
N VAL A 51 6.31 31.76 13.06
CA VAL A 51 7.59 32.38 13.37
C VAL A 51 7.36 33.89 13.56
N ASN A 52 7.91 34.43 14.65
CA ASN A 52 8.01 35.87 14.83
C ASN A 52 9.36 36.31 14.26
N PRO A 53 9.36 36.99 13.10
CA PRO A 53 10.65 37.40 12.56
C PRO A 53 11.30 38.56 13.34
N ASN A 54 10.55 39.18 14.23
CA ASN A 54 11.07 40.24 15.06
C ASN A 54 11.84 39.67 16.26
N SER A 55 11.31 38.63 16.90
CA SER A 55 12.02 38.00 18.00
C SER A 55 12.93 36.87 17.55
N GLY A 56 12.71 36.35 16.33
CA GLY A 56 13.44 35.20 15.83
C GLY A 56 12.89 33.89 16.40
N GLY A 57 11.79 33.96 17.14
CA GLY A 57 11.27 32.76 17.80
C GLY A 57 10.19 32.08 16.98
N SER A 58 10.16 30.76 16.98
CA SER A 58 9.03 30.06 16.37
C SER A 58 8.38 29.02 17.29
N ILE A 59 7.13 28.68 17.00
CA ILE A 59 6.34 27.79 17.82
C ILE A 59 5.68 26.83 16.85
N TYR A 60 5.66 25.56 17.26
CA TYR A 60 5.19 24.43 16.47
C TYR A 60 4.01 23.70 17.15
N ASN A 61 3.10 23.17 16.33
CA ASN A 61 2.04 22.33 16.80
C ASN A 61 2.69 21.02 17.26
N GLN A 62 2.06 20.39 18.25
CA GLN A 62 2.60 19.18 18.86
C GLN A 62 3.02 18.08 17.88
N ARG A 63 2.21 17.85 16.83
CA ARG A 63 2.49 16.78 15.85
C ARG A 63 3.79 17.01 15.05
N PHE A 64 4.24 18.25 14.97
CA PHE A 64 5.37 18.64 14.12
C PHE A 64 6.64 19.13 14.85
N LYS A 65 6.54 19.36 16.17
CA LYS A 65 7.71 19.69 16.95
C LYS A 65 8.74 18.57 16.78
N GLY A 66 10.00 18.98 16.65
CA GLY A 66 11.10 18.05 16.53
C GLY A 66 11.30 17.52 15.13
N ARG A 67 10.38 17.81 14.22
CA ARG A 67 10.63 17.36 12.86
C ARG A 67 10.46 18.38 11.75
N PHE A 68 9.64 19.41 11.99
CA PHE A 68 9.49 20.56 11.08
C PHE A 68 10.21 21.76 11.68
N THR A 69 10.83 22.58 10.83
CA THR A 69 11.63 23.72 11.23
C THR A 69 11.23 24.90 10.40
N LEU A 70 10.86 26.02 11.04
CA LEU A 70 10.71 27.30 10.31
C LEU A 70 12.02 28.07 10.19
N SER A 71 12.11 28.96 9.22
CA SER A 71 13.25 29.86 9.14
C SER A 71 12.81 30.97 8.23
N VAL A 72 13.63 32.00 8.14
CA VAL A 72 13.26 33.17 7.40
C VAL A 72 14.50 33.69 6.70
N ASP A 73 14.33 34.35 5.56
CA ASP A 73 15.43 35.07 4.91
C ASP A 73 14.96 36.47 4.61
N ARG A 74 15.26 37.38 5.53
CA ARG A 74 14.83 38.78 5.46
C ARG A 74 15.21 39.48 4.16
N SER A 75 16.45 39.27 3.71
CA SER A 75 16.94 39.90 2.47
C SER A 75 16.04 39.62 1.28
N LYS A 76 15.41 38.45 1.29
CA LYS A 76 14.48 37.99 0.23
C LYS A 76 13.02 38.06 0.65
N ASN A 77 12.75 38.56 1.85
CA ASN A 77 11.37 38.57 2.38
C ASN A 77 10.67 37.22 2.19
N THR A 78 11.36 36.15 2.58
CA THR A 78 10.91 34.81 2.27
C THR A 78 10.89 33.93 3.52
N LEU A 79 9.79 33.18 3.65
CA LEU A 79 9.56 32.30 4.79
C LEU A 79 9.75 30.83 4.32
N TYR A 80 10.43 30.01 5.11
CA TYR A 80 10.60 28.60 4.72
C TYR A 80 9.98 27.67 5.72
N LEU A 81 9.48 26.54 5.22
CA LEU A 81 9.16 25.42 6.11
C LEU A 81 9.97 24.23 5.67
N GLN A 82 10.81 23.72 6.60
CA GLN A 82 11.66 22.59 6.33
C GLN A 82 10.98 21.42 7.01
N MET A 83 10.65 20.39 6.23
CA MET A 83 9.95 19.24 6.78
C MET A 83 10.87 18.06 6.74
N ASN A 84 11.04 17.38 7.87
CA ASN A 84 11.92 16.23 7.92
C ASN A 84 11.07 15.06 8.42
N SER A 85 11.55 13.85 8.17
CA SER A 85 10.91 12.64 8.69
C SER A 85 9.42 12.61 8.29
N LEU A 86 9.13 12.87 7.02
CA LEU A 86 7.74 12.95 6.58
C LEU A 86 7.14 11.55 6.58
N ARG A 87 5.86 11.48 6.98
CA ARG A 87 5.06 10.24 6.85
C ARG A 87 3.89 10.46 5.87
N ALA A 88 3.35 9.36 5.34
CA ALA A 88 2.25 9.43 4.34
C ALA A 88 1.14 10.39 4.81
N GLU A 89 0.84 10.36 6.10
CA GLU A 89 -0.20 11.20 6.73
C GLU A 89 0.03 12.70 6.62
N ASP A 90 1.27 13.11 6.37
CA ASP A 90 1.62 14.51 6.06
C ASP A 90 1.21 14.99 4.64
N THR A 91 0.70 14.06 3.82
CA THR A 91 0.19 14.45 2.49
C THR A 91 -0.86 15.55 2.62
N ALA A 92 -0.68 16.70 1.99
CA ALA A 92 -1.61 17.74 2.25
C ALA A 92 -1.24 18.94 1.37
N VAL A 93 -2.15 19.87 1.28
CA VAL A 93 -1.80 21.16 0.67
C VAL A 93 -1.35 22.12 1.77
N TYR A 94 -0.12 22.62 1.66
CA TYR A 94 0.46 23.53 2.66
C TYR A 94 0.30 24.99 2.24
N TYR A 95 -0.22 25.82 3.15
CA TYR A 95 -0.37 27.26 2.92
C TYR A 95 0.51 28.01 3.88
N CYS A 96 1.17 29.05 3.38
CA CYS A 96 1.72 30.05 4.29
C CYS A 96 0.63 31.10 4.52
N ALA A 97 0.64 31.70 5.70
CA ALA A 97 -0.36 32.69 6.05
C ALA A 97 0.21 33.75 6.97
N ARG A 98 -0.54 34.84 7.17
CA ARG A 98 -0.08 35.95 7.98
C ARG A 98 -1.09 36.34 9.04
N ASN A 99 -0.61 36.68 10.23
CA ASN A 99 -1.46 37.28 11.27
C ASN A 99 -1.59 38.79 11.06
N LEU A 100 -2.75 39.38 11.39
CA LEU A 100 -2.90 40.86 11.25
C LEU A 100 -1.96 41.59 12.22
N GLY A 101 -1.95 41.10 13.46
CA GLY A 101 -1.09 41.61 14.50
C GLY A 101 -0.83 40.46 15.46
N PRO A 102 -1.18 40.65 16.75
CA PRO A 102 -0.84 39.66 17.78
C PRO A 102 -1.70 38.42 17.80
N SER A 103 -2.88 38.45 17.16
CA SER A 103 -3.86 37.36 17.22
C SER A 103 -3.67 36.39 16.06
N PHE A 104 -3.77 35.10 16.36
CA PHE A 104 -3.44 34.04 15.38
C PHE A 104 -4.62 33.57 14.53
N TYR A 105 -5.25 34.52 13.84
CA TYR A 105 -6.16 34.21 12.75
C TYR A 105 -5.58 34.89 11.53
N PHE A 106 -5.97 34.45 10.34
CA PHE A 106 -5.14 34.71 9.16
C PHE A 106 -5.83 35.50 8.06
N ASP A 107 -5.30 36.70 7.81
CA ASP A 107 -5.88 37.59 6.84
C ASP A 107 -5.42 37.31 5.41
N TYR A 108 -4.13 37.14 5.21
CA TYR A 108 -3.60 36.80 3.90
C TYR A 108 -3.06 35.40 3.89
N TRP A 109 -3.22 34.74 2.75
CA TRP A 109 -2.84 33.36 2.55
C TRP A 109 -2.09 33.17 1.26
N GLY A 110 -1.25 32.14 1.24
CA GLY A 110 -0.56 31.76 0.02
C GLY A 110 -1.53 31.00 -0.89
N GLN A 111 -1.09 30.70 -2.11
CA GLN A 111 -1.93 29.97 -3.10
C GLN A 111 -2.01 28.46 -2.81
N GLY A 112 -1.08 27.97 -2.01
CA GLY A 112 -1.05 26.58 -1.60
C GLY A 112 -0.12 25.74 -2.46
N THR A 113 0.46 24.67 -1.88
CA THR A 113 1.33 23.79 -2.64
C THR A 113 1.11 22.37 -2.12
N LEU A 114 0.92 21.42 -3.05
CA LEU A 114 0.66 20.00 -2.75
C LEU A 114 1.97 19.31 -2.43
N VAL A 115 1.98 18.60 -1.29
CA VAL A 115 3.11 17.78 -0.87
C VAL A 115 2.48 16.41 -0.75
N THR A 116 3.01 15.45 -1.48
CA THR A 116 2.54 14.08 -1.36
C THR A 116 3.68 13.28 -0.76
N VAL A 117 3.37 12.51 0.29
CA VAL A 117 4.34 11.61 0.84
C VAL A 117 3.86 10.18 0.58
N SER A 118 4.64 9.44 -0.20
CA SER A 118 4.26 8.09 -0.58
C SER A 118 5.50 7.35 -0.99
N SER A 119 5.52 6.05 -0.70
CA SER A 119 6.58 5.18 -1.24
C SER A 119 6.33 4.74 -2.70
N ALA A 120 5.17 5.05 -3.26
CA ALA A 120 4.89 4.70 -4.64
C ALA A 120 5.69 5.60 -5.61
N SER A 121 6.13 5.03 -6.73
CA SER A 121 6.99 5.71 -7.69
C SER A 121 6.19 6.64 -8.60
N THR A 122 6.81 7.71 -9.06
CA THR A 122 6.20 8.55 -10.07
C THR A 122 5.96 7.70 -11.32
N LYS A 123 4.76 7.80 -11.88
CA LYS A 123 4.45 7.15 -13.17
C LYS A 123 3.63 8.07 -14.11
N GLY A 124 4.06 8.17 -15.35
CA GLY A 124 3.39 9.11 -16.26
C GLY A 124 2.14 8.40 -16.77
N PRO A 125 1.18 9.15 -17.28
CA PRO A 125 -0.09 8.54 -17.69
C PRO A 125 -0.08 7.81 -19.03
N SER A 126 -0.95 6.78 -19.14
CA SER A 126 -1.35 6.21 -20.42
C SER A 126 -2.59 6.95 -20.90
N VAL A 127 -2.52 7.58 -22.07
CA VAL A 127 -3.66 8.35 -22.62
C VAL A 127 -4.37 7.63 -23.81
N PHE A 128 -5.66 7.33 -23.61
CA PHE A 128 -6.48 6.63 -24.59
C PHE A 128 -7.67 7.48 -25.08
N PRO A 129 -7.86 7.55 -26.39
CA PRO A 129 -8.97 8.29 -26.97
C PRO A 129 -10.28 7.58 -26.61
N LEU A 130 -11.31 8.38 -26.35
CA LEU A 130 -12.64 7.83 -26.10
C LEU A 130 -13.47 8.26 -27.31
N ALA A 131 -13.49 7.42 -28.34
CA ALA A 131 -14.18 7.72 -29.62
C ALA A 131 -15.69 7.95 -29.45
N PRO A 132 -16.24 8.97 -30.15
CA PRO A 132 -17.66 9.38 -29.94
C PRO A 132 -18.69 8.30 -30.26
N GLY A 140 -27.25 16.66 -34.08
CA GLY A 140 -27.07 17.08 -32.69
C GLY A 140 -25.60 17.06 -32.28
N THR A 141 -25.33 16.55 -31.09
CA THR A 141 -23.98 16.67 -30.54
C THR A 141 -23.38 15.31 -30.20
N ALA A 142 -22.05 15.24 -30.18
CA ALA A 142 -21.33 14.02 -29.80
C ALA A 142 -20.35 14.33 -28.65
N ALA A 143 -20.26 13.37 -27.71
CA ALA A 143 -19.32 13.36 -26.60
C ALA A 143 -18.12 12.45 -26.93
N LEU A 144 -16.94 13.02 -26.85
CA LEU A 144 -15.72 12.28 -27.05
C LEU A 144 -14.77 12.67 -25.93
N GLY A 145 -13.80 11.83 -25.66
CA GLY A 145 -12.98 12.12 -24.52
C GLY A 145 -11.60 11.56 -24.62
N CYS A 146 -10.85 11.78 -23.54
CA CYS A 146 -9.72 10.97 -23.25
C CYS A 146 -9.67 10.45 -21.83
N LEU A 147 -9.26 9.20 -21.80
CA LEU A 147 -9.00 8.48 -20.59
C LEU A 147 -7.53 8.67 -20.23
N VAL A 148 -7.28 9.19 -19.05
CA VAL A 148 -5.93 9.44 -18.61
C VAL A 148 -5.67 8.44 -17.49
N LYS A 149 -4.91 7.41 -17.80
CA LYS A 149 -4.93 6.20 -16.91
C LYS A 149 -3.58 5.88 -16.28
N ASP A 150 -3.66 5.30 -15.07
CA ASP A 150 -2.51 4.80 -14.33
C ASP A 150 -1.34 5.80 -14.19
N TYR A 151 -1.59 6.88 -13.47
CA TYR A 151 -0.57 7.85 -13.18
C TYR A 151 -0.40 8.11 -11.69
N PHE A 152 0.77 8.63 -11.33
CA PHE A 152 1.07 8.99 -9.95
C PHE A 152 2.25 9.97 -9.94
N PRO A 153 2.21 11.00 -9.07
CA PRO A 153 1.11 11.38 -8.20
C PRO A 153 0.22 12.42 -8.90
N GLU A 154 -0.69 13.02 -8.17
CA GLU A 154 -1.54 14.07 -8.71
C GLU A 154 -0.66 15.32 -8.85
N PRO A 155 -1.06 16.28 -9.68
CA PRO A 155 -2.21 16.36 -10.53
C PRO A 155 -1.82 16.13 -11.99
N VAL A 156 -2.81 15.80 -12.81
CA VAL A 156 -2.67 16.08 -14.24
C VAL A 156 -3.61 17.20 -14.62
N THR A 157 -3.30 17.88 -15.73
CA THR A 157 -4.24 18.82 -16.31
C THR A 157 -4.54 18.39 -17.76
N VAL A 158 -5.80 18.58 -18.19
CA VAL A 158 -6.20 18.20 -19.56
C VAL A 158 -6.80 19.45 -20.21
N SER A 159 -6.35 19.75 -21.42
CA SER A 159 -6.93 20.80 -22.27
C SER A 159 -7.29 20.17 -23.64
N TRP A 160 -8.04 20.89 -24.47
CA TRP A 160 -8.40 20.42 -25.80
C TRP A 160 -7.96 21.37 -26.84
N ASN A 161 -7.36 20.85 -27.92
CA ASN A 161 -6.88 21.70 -28.99
C ASN A 161 -6.00 22.82 -28.48
N SER A 162 -5.03 22.45 -27.65
CA SER A 162 -4.06 23.38 -27.05
C SER A 162 -4.63 24.49 -26.17
N GLY A 163 -5.87 24.32 -25.72
CA GLY A 163 -6.53 25.27 -24.84
C GLY A 163 -7.43 26.20 -25.63
N ALA A 164 -7.46 26.02 -26.95
CA ALA A 164 -8.37 26.80 -27.78
C ALA A 164 -9.82 26.46 -27.52
N LEU A 165 -10.10 25.19 -27.20
CA LEU A 165 -11.44 24.71 -27.04
C LEU A 165 -11.74 24.47 -25.56
N THR A 166 -12.64 25.28 -25.01
CA THR A 166 -12.98 25.26 -23.56
C THR A 166 -14.46 25.00 -23.33
N SER A 167 -15.29 25.48 -24.26
CA SER A 167 -16.73 25.21 -24.23
C SER A 167 -17.08 23.74 -24.39
N GLY A 168 -17.90 23.24 -23.49
CA GLY A 168 -18.44 21.89 -23.61
C GLY A 168 -17.46 20.85 -23.08
N VAL A 169 -16.39 21.32 -22.44
CA VAL A 169 -15.37 20.40 -21.90
C VAL A 169 -15.75 20.00 -20.50
N HIS A 170 -15.59 18.74 -20.14
CA HIS A 170 -15.79 18.39 -18.74
C HIS A 170 -14.77 17.41 -18.28
N THR A 171 -13.88 17.88 -17.40
CA THR A 171 -12.84 17.01 -16.83
C THR A 171 -13.29 16.51 -15.47
N PHE A 172 -13.22 15.20 -15.28
CA PHE A 172 -13.83 14.61 -14.13
C PHE A 172 -12.72 14.49 -13.10
N PRO A 173 -13.08 14.44 -11.80
CA PRO A 173 -12.01 14.36 -10.80
C PRO A 173 -11.29 13.02 -10.90
N ALA A 174 -10.00 12.99 -10.54
CA ALA A 174 -9.18 11.79 -10.60
C ALA A 174 -9.74 10.85 -9.58
N VAL A 175 -9.60 9.55 -9.80
CA VAL A 175 -10.12 8.51 -8.92
C VAL A 175 -8.93 7.59 -8.60
N LEU A 176 -8.69 7.39 -7.32
CA LEU A 176 -7.64 6.47 -6.90
C LEU A 176 -8.12 5.03 -6.95
N GLN A 177 -7.48 4.21 -7.78
CA GLN A 177 -7.69 2.75 -7.76
C GLN A 177 -6.96 2.11 -6.61
N SER A 178 -7.38 0.89 -6.25
CA SER A 178 -6.73 0.12 -5.18
C SER A 178 -5.29 -0.30 -5.51
N SER A 179 -4.84 -0.01 -6.73
CA SER A 179 -3.45 -0.21 -7.13
C SER A 179 -2.53 0.98 -6.77
N GLY A 180 -3.09 1.97 -6.08
CA GLY A 180 -2.33 3.17 -5.72
C GLY A 180 -2.09 4.13 -6.88
N LEU A 181 -2.65 3.81 -8.06
CA LEU A 181 -2.58 4.71 -9.21
C LEU A 181 -3.88 5.46 -9.48
N TYR A 182 -3.79 6.63 -10.13
CA TYR A 182 -4.95 7.43 -10.45
C TYR A 182 -5.42 7.30 -11.91
N SER A 183 -6.70 7.52 -12.14
CA SER A 183 -7.20 7.63 -13.51
C SER A 183 -8.15 8.78 -13.56
N LEU A 184 -8.16 9.47 -14.68
CA LEU A 184 -9.17 10.46 -14.87
C LEU A 184 -9.64 10.48 -16.30
N SER A 185 -10.83 11.08 -16.51
CA SER A 185 -11.32 11.29 -17.88
C SER A 185 -11.75 12.72 -18.09
N SER A 186 -11.63 13.12 -19.35
CA SER A 186 -12.05 14.47 -19.80
C SER A 186 -12.88 14.27 -21.06
N VAL A 187 -14.09 14.84 -21.07
CA VAL A 187 -15.02 14.69 -22.21
C VAL A 187 -15.39 16.06 -22.80
N VAL A 188 -15.41 16.17 -24.12
CA VAL A 188 -15.87 17.40 -24.74
C VAL A 188 -17.05 17.02 -25.60
N THR A 189 -18.09 17.85 -25.54
CA THR A 189 -19.28 17.68 -26.34
C THR A 189 -19.26 18.68 -27.49
N VAL A 190 -19.35 18.16 -28.71
CA VAL A 190 -19.15 18.93 -29.92
C VAL A 190 -20.27 18.58 -30.92
N PRO A 191 -20.48 19.42 -31.95
CA PRO A 191 -21.48 19.09 -32.95
C PRO A 191 -21.12 17.81 -33.71
N SER A 192 -22.05 16.86 -33.76
CA SER A 192 -21.89 15.68 -34.64
C SER A 192 -21.42 16.02 -36.05
N SER A 193 -21.84 17.18 -36.55
CA SER A 193 -21.45 17.64 -37.89
C SER A 193 -19.97 18.04 -37.99
N SER A 194 -19.34 18.27 -36.84
CA SER A 194 -17.93 18.67 -36.74
C SER A 194 -16.98 17.49 -36.99
N LEU A 195 -17.49 16.28 -36.80
CA LEU A 195 -16.64 15.10 -36.62
C LEU A 195 -15.80 14.69 -37.83
N GLY A 196 -16.27 15.05 -39.01
CA GLY A 196 -15.50 14.80 -40.23
C GLY A 196 -14.45 15.85 -40.51
N THR A 197 -14.73 17.10 -40.16
CA THR A 197 -13.96 18.27 -40.60
C THR A 197 -13.05 18.88 -39.51
N GLN A 198 -13.45 18.74 -38.26
CA GLN A 198 -12.69 19.34 -37.17
C GLN A 198 -11.86 18.29 -36.42
N THR A 199 -10.60 18.63 -36.18
CA THR A 199 -9.68 17.76 -35.42
C THR A 199 -9.82 17.99 -33.89
N TYR A 200 -9.97 16.92 -33.10
CA TYR A 200 -9.97 17.07 -31.65
C TYR A 200 -8.80 16.36 -30.98
N ILE A 201 -7.95 17.14 -30.31
CA ILE A 201 -6.74 16.63 -29.66
C ILE A 201 -6.83 16.98 -28.18
N CYS A 202 -6.79 15.97 -27.33
CA CYS A 202 -6.61 16.22 -25.90
C CYS A 202 -5.13 16.34 -25.52
N ASN A 203 -4.84 17.34 -24.69
CA ASN A 203 -3.48 17.66 -24.26
C ASN A 203 -3.38 17.39 -22.78
N VAL A 204 -2.61 16.34 -22.43
CA VAL A 204 -2.54 15.88 -21.05
C VAL A 204 -1.18 16.33 -20.45
N ASN A 205 -1.19 17.12 -19.40
CA ASN A 205 0.08 17.52 -18.79
C ASN A 205 0.25 16.91 -17.42
N HIS A 206 1.29 16.08 -17.26
CA HIS A 206 1.63 15.49 -15.96
C HIS A 206 2.93 16.06 -15.47
N LYS A 207 2.88 17.26 -14.90
CA LYS A 207 4.12 17.91 -14.41
C LYS A 207 4.98 17.05 -13.48
N PRO A 208 4.35 16.33 -12.54
CA PRO A 208 5.16 15.46 -11.67
C PRO A 208 6.06 14.47 -12.40
N SER A 209 5.72 13.99 -13.59
CA SER A 209 6.67 13.15 -14.33
C SER A 209 7.31 13.88 -15.51
N ASN A 210 7.17 15.20 -15.52
CA ASN A 210 7.64 15.97 -16.68
C ASN A 210 7.24 15.39 -18.05
N THR A 211 5.98 15.03 -18.18
CA THR A 211 5.46 14.35 -19.37
C THR A 211 4.21 15.10 -19.79
N LYS A 212 4.15 15.45 -21.08
CA LYS A 212 2.91 15.86 -21.74
C LYS A 212 2.59 14.85 -22.84
N VAL A 213 1.32 14.49 -23.00
CA VAL A 213 0.89 13.57 -24.05
C VAL A 213 -0.28 14.18 -24.78
N ASP A 214 -0.20 14.28 -26.10
CA ASP A 214 -1.34 14.72 -26.94
C ASP A 214 -1.88 13.56 -27.78
N LYS A 215 -3.20 13.35 -27.70
CA LYS A 215 -3.84 12.24 -28.42
C LYS A 215 -5.02 12.76 -29.27
N LYS A 216 -4.92 12.52 -30.58
CA LYS A 216 -6.00 12.85 -31.50
C LYS A 216 -7.14 11.85 -31.34
N VAL A 217 -8.37 12.35 -31.16
CA VAL A 217 -9.52 11.48 -30.99
C VAL A 217 -10.23 11.33 -32.33
N GLU A 218 -10.20 10.10 -32.88
CA GLU A 218 -10.84 9.77 -34.17
C GLU A 218 -12.20 9.14 -33.94
N PRO A 219 -13.16 9.33 -34.87
CA PRO A 219 -14.38 8.50 -34.90
C PRO A 219 -14.11 6.98 -34.98
N LYS A 220 -15.00 6.19 -34.38
CA LYS A 220 -14.80 4.73 -34.14
C LYS A 220 -14.22 3.92 -35.31
N ASP B 1 -5.36 21.01 21.90
CA ASP B 1 -6.24 20.21 22.81
C ASP B 1 -7.72 20.62 22.71
N ILE B 2 -7.94 21.90 22.44
CA ILE B 2 -9.27 22.48 22.37
C ILE B 2 -10.01 22.00 21.12
N GLN B 3 -11.14 21.31 21.32
CA GLN B 3 -11.95 20.76 20.22
C GLN B 3 -12.95 21.80 19.70
N MET B 4 -13.09 21.90 18.38
CA MET B 4 -14.07 22.77 17.74
C MET B 4 -15.02 21.97 16.84
N THR B 5 -16.28 21.88 17.25
CA THR B 5 -17.27 21.01 16.61
C THR B 5 -18.33 21.84 15.92
N GLN B 6 -18.35 21.74 14.58
CA GLN B 6 -19.34 22.44 13.80
C GLN B 6 -20.51 21.50 13.52
N SER B 7 -21.65 22.09 13.18
CA SER B 7 -22.83 21.33 12.83
C SER B 7 -23.82 22.26 12.17
N PRO B 8 -24.47 21.80 11.08
CA PRO B 8 -24.25 20.43 10.60
C PRO B 8 -22.93 20.28 9.84
N SER B 9 -22.52 19.04 9.66
CA SER B 9 -21.42 18.66 8.77
C SER B 9 -21.63 19.19 7.34
N SER B 10 -22.83 19.06 6.81
CA SER B 10 -23.18 19.69 5.53
C SER B 10 -24.65 20.03 5.53
N LEU B 11 -25.03 20.91 4.61
CA LEU B 11 -26.43 21.23 4.39
C LEU B 11 -26.62 21.64 2.94
N SER B 12 -27.84 21.39 2.43
CA SER B 12 -28.25 21.79 1.09
C SER B 12 -29.11 23.04 1.20
N ALA B 13 -28.95 23.96 0.28
CA ALA B 13 -29.61 25.23 0.39
C ALA B 13 -29.76 25.86 -0.99
N SER B 14 -30.68 26.82 -1.08
CA SER B 14 -30.94 27.48 -2.36
C SER B 14 -30.67 28.95 -2.22
N VAL B 15 -30.37 29.58 -3.35
CA VAL B 15 -30.22 31.02 -3.38
C VAL B 15 -31.40 31.66 -2.65
N GLY B 16 -31.07 32.62 -1.78
CA GLY B 16 -32.06 33.37 -1.03
C GLY B 16 -32.33 32.85 0.37
N ASP B 17 -31.87 31.63 0.67
CA ASP B 17 -32.08 31.04 2.01
C ASP B 17 -31.31 31.74 3.15
N ARG B 18 -31.79 31.53 4.37
CA ARG B 18 -31.06 31.86 5.59
C ARG B 18 -30.29 30.62 6.05
N VAL B 19 -28.97 30.75 6.09
CA VAL B 19 -28.12 29.66 6.56
C VAL B 19 -27.51 30.04 7.92
N THR B 20 -27.53 29.08 8.84
CA THR B 20 -27.03 29.23 10.20
C THR B 20 -26.18 28.00 10.53
N ILE B 21 -24.89 28.25 10.76
CA ILE B 21 -23.89 27.21 11.08
C ILE B 21 -23.42 27.43 12.51
N THR B 22 -23.19 26.31 13.21
CA THR B 22 -22.91 26.26 14.63
C THR B 22 -21.52 25.73 14.93
N CYS B 23 -20.81 26.42 15.82
CA CYS B 23 -19.51 25.92 16.24
C CYS B 23 -19.48 25.89 17.76
N LYS B 24 -19.20 24.71 18.31
CA LYS B 24 -19.06 24.53 19.76
C LYS B 24 -17.63 24.23 20.17
N ALA B 25 -17.11 25.03 21.11
CA ALA B 25 -15.77 24.79 21.64
C ALA B 25 -15.83 23.87 22.84
N SER B 26 -14.84 22.97 22.95
CA SER B 26 -14.75 22.05 24.09
C SER B 26 -14.45 22.75 25.42
N GLN B 27 -14.10 24.02 25.36
CA GLN B 27 -13.87 24.86 26.54
C GLN B 27 -13.99 26.35 26.21
N ASP B 28 -13.94 27.19 27.24
CA ASP B 28 -14.09 28.62 27.12
C ASP B 28 -12.94 29.20 26.28
N VAL B 29 -13.30 29.88 25.21
CA VAL B 29 -12.34 30.53 24.30
C VAL B 29 -12.77 31.96 24.08
N SER B 30 -13.69 32.40 24.94
CA SER B 30 -14.04 33.80 25.03
C SER B 30 -14.65 34.34 23.73
N ILE B 31 -14.11 35.45 23.23
CA ILE B 31 -14.54 36.02 21.98
C ILE B 31 -13.54 35.64 20.82
N GLY B 32 -12.59 34.74 21.10
CA GLY B 32 -11.47 34.52 20.16
C GLY B 32 -11.73 33.51 19.03
N VAL B 33 -12.67 33.85 18.15
CA VAL B 33 -13.14 32.93 17.11
C VAL B 33 -13.22 33.60 15.76
N ALA B 34 -12.67 32.96 14.73
CA ALA B 34 -12.71 33.48 13.36
C ALA B 34 -13.49 32.49 12.48
N TRP B 35 -14.11 32.99 11.39
CA TRP B 35 -14.72 32.14 10.35
C TRP B 35 -14.11 32.39 8.99
N TYR B 36 -13.95 31.30 8.23
CA TYR B 36 -13.35 31.32 6.91
C TYR B 36 -14.25 30.59 5.93
N GLN B 37 -14.22 31.05 4.69
CA GLN B 37 -14.89 30.41 3.59
C GLN B 37 -13.80 29.77 2.75
N ARG B 38 -13.94 28.47 2.46
CA ARG B 38 -13.01 27.81 1.56
C ARG B 38 -13.69 27.21 0.34
N LYS B 39 -13.26 27.63 -0.84
CA LYS B 39 -13.70 26.98 -2.08
C LYS B 39 -12.72 25.89 -2.49
N PRO B 40 -13.18 24.89 -3.28
CA PRO B 40 -12.29 23.76 -3.65
C PRO B 40 -11.02 24.22 -4.36
N GLY B 41 -9.87 23.69 -3.96
CA GLY B 41 -8.59 24.12 -4.56
C GLY B 41 -8.22 25.60 -4.31
N LYS B 42 -8.94 26.26 -3.41
CA LYS B 42 -8.67 27.68 -3.15
C LYS B 42 -8.24 27.90 -1.68
N ALA B 43 -7.49 28.98 -1.44
CA ALA B 43 -7.10 29.37 -0.07
C ALA B 43 -8.33 29.68 0.78
N PRO B 44 -8.31 29.36 2.10
CA PRO B 44 -9.42 29.88 2.92
C PRO B 44 -9.45 31.41 2.90
N LYS B 45 -10.63 31.98 3.13
CA LYS B 45 -10.83 33.40 3.01
C LYS B 45 -11.49 33.89 4.31
N LEU B 46 -10.84 34.87 4.96
CA LEU B 46 -11.31 35.34 6.26
C LEU B 46 -12.62 36.13 6.15
N LEU B 47 -13.59 35.80 7.01
CA LEU B 47 -14.90 36.48 7.00
C LEU B 47 -15.22 37.26 8.30
N ILE B 48 -15.05 36.55 9.42
CA ILE B 48 -15.42 37.00 10.78
C ILE B 48 -14.19 36.81 11.68
N TYR B 49 -13.93 37.80 12.53
CA TYR B 49 -12.96 37.67 13.63
C TYR B 49 -13.62 38.20 14.92
N SER B 50 -13.00 37.90 16.05
CA SER B 50 -13.54 38.26 17.38
C SER B 50 -14.99 37.81 17.53
N ALA B 51 -15.31 36.66 16.94
CA ALA B 51 -16.65 36.06 17.03
C ALA B 51 -17.77 36.82 16.29
N SER B 52 -17.66 38.14 16.17
CA SER B 52 -18.79 38.92 15.61
C SER B 52 -18.44 40.10 14.74
N TYR B 53 -17.17 40.28 14.40
CA TYR B 53 -16.78 41.42 13.57
C TYR B 53 -16.52 40.97 12.16
N ARG B 54 -17.12 41.69 11.23
CA ARG B 54 -16.97 41.46 9.82
C ARG B 54 -15.60 41.95 9.38
N TYR B 55 -14.87 41.11 8.66
CA TYR B 55 -13.60 41.56 8.10
C TYR B 55 -13.82 42.55 6.93
N THR B 56 -12.88 43.45 6.71
CA THR B 56 -12.88 44.36 5.56
C THR B 56 -13.35 43.63 4.31
N GLY B 57 -14.29 44.25 3.58
CA GLY B 57 -14.69 43.76 2.27
C GLY B 57 -15.68 42.61 2.28
N VAL B 58 -15.95 42.05 3.46
CA VAL B 58 -16.89 40.96 3.57
C VAL B 58 -18.35 41.46 3.48
N PRO B 59 -19.12 40.93 2.49
CA PRO B 59 -20.52 41.30 2.33
C PRO B 59 -21.31 41.24 3.63
N SER B 60 -22.21 42.19 3.81
CA SER B 60 -22.95 42.32 5.07
C SER B 60 -23.87 41.13 5.39
N ARG B 61 -24.17 40.30 4.39
CA ARG B 61 -25.04 39.14 4.63
C ARG B 61 -24.41 38.13 5.56
N PHE B 62 -23.08 38.20 5.69
CA PHE B 62 -22.31 37.42 6.67
C PHE B 62 -22.28 38.12 8.01
N SER B 63 -22.54 37.35 9.07
CA SER B 63 -22.45 37.85 10.43
C SER B 63 -22.21 36.71 11.42
N GLY B 64 -21.44 36.97 12.47
CA GLY B 64 -21.22 35.95 13.49
C GLY B 64 -21.72 36.37 14.87
N SER B 65 -21.89 35.40 15.76
CA SER B 65 -22.22 35.72 17.13
C SER B 65 -21.72 34.63 18.07
N GLY B 66 -21.74 34.90 19.37
CA GLY B 66 -21.42 33.89 20.36
C GLY B 66 -20.29 34.32 21.29
N SER B 67 -20.12 33.59 22.40
CA SER B 67 -19.10 33.89 23.39
C SER B 67 -18.89 32.63 24.21
N GLY B 68 -17.70 32.42 24.73
CA GLY B 68 -17.44 31.28 25.61
C GLY B 68 -17.26 29.98 24.85
N THR B 69 -18.35 29.26 24.63
CA THR B 69 -18.26 27.99 23.90
C THR B 69 -19.20 27.87 22.68
N ASP B 70 -20.19 28.75 22.57
CA ASP B 70 -21.23 28.62 21.53
C ASP B 70 -21.20 29.70 20.47
N PHE B 71 -20.84 29.36 19.24
CA PHE B 71 -20.65 30.38 18.20
C PHE B 71 -21.54 30.11 16.99
N THR B 72 -21.90 31.16 16.27
CA THR B 72 -22.77 31.05 15.12
C THR B 72 -22.29 31.88 13.97
N LEU B 73 -22.25 31.27 12.80
CA LEU B 73 -22.14 32.02 11.55
C LEU B 73 -23.50 31.95 10.88
N THR B 74 -23.92 33.07 10.30
CA THR B 74 -25.23 33.24 9.71
C THR B 74 -25.06 33.94 8.39
N ILE B 75 -25.67 33.40 7.33
CA ILE B 75 -25.72 34.11 6.06
C ILE B 75 -27.19 34.47 5.83
N SER B 76 -27.45 35.78 5.82
CA SER B 76 -28.82 36.30 5.83
C SER B 76 -29.64 35.84 4.60
N SER B 77 -29.07 36.01 3.41
CA SER B 77 -29.70 35.52 2.18
C SER B 77 -28.64 34.95 1.24
N LEU B 78 -28.60 33.62 1.16
CA LEU B 78 -27.57 32.92 0.40
C LEU B 78 -27.51 33.36 -1.06
N GLN B 79 -26.35 33.86 -1.46
CA GLN B 79 -26.08 34.31 -2.81
C GLN B 79 -25.41 33.16 -3.60
N PRO B 80 -25.45 33.21 -4.96
CA PRO B 80 -24.83 32.18 -5.78
C PRO B 80 -23.36 31.88 -5.45
N GLU B 81 -22.54 32.91 -5.28
CA GLU B 81 -21.12 32.69 -5.02
C GLU B 81 -20.79 32.24 -3.59
N ASP B 82 -21.80 31.82 -2.83
CA ASP B 82 -21.61 31.47 -1.40
C ASP B 82 -21.54 29.99 -1.08
N PHE B 83 -21.78 29.11 -2.06
CA PHE B 83 -21.63 27.67 -1.79
C PHE B 83 -20.13 27.38 -1.66
N ALA B 84 -19.77 26.74 -0.56
CA ALA B 84 -18.39 26.57 -0.16
C ALA B 84 -18.42 25.81 1.16
N THR B 85 -17.26 25.66 1.78
CA THR B 85 -17.13 25.08 3.10
C THR B 85 -16.67 26.19 4.03
N TYR B 86 -17.36 26.29 5.14
CA TYR B 86 -17.11 27.31 6.13
C TYR B 86 -16.49 26.67 7.35
N TYR B 87 -15.34 27.21 7.75
CA TYR B 87 -14.60 26.74 8.93
C TYR B 87 -14.64 27.79 10.07
N CYS B 88 -14.94 27.35 11.28
CA CYS B 88 -14.69 28.17 12.48
C CYS B 88 -13.25 27.88 12.96
N GLN B 89 -12.62 28.86 13.62
CA GLN B 89 -11.31 28.63 14.25
C GLN B 89 -11.19 29.36 15.59
N GLN B 90 -10.73 28.68 16.64
CA GLN B 90 -10.36 29.40 17.87
C GLN B 90 -8.90 29.88 17.80
N TYR B 91 -8.67 31.16 18.14
CA TYR B 91 -7.29 31.64 18.29
C TYR B 91 -7.09 32.19 19.68
N TYR B 92 -7.96 31.78 20.59
CA TYR B 92 -7.86 32.13 21.99
C TYR B 92 -6.54 31.64 22.56
N ILE B 93 -6.24 30.35 22.39
CA ILE B 93 -5.06 29.74 22.95
C ILE B 93 -4.41 28.78 21.92
N TYR B 94 -3.11 28.55 22.06
CA TYR B 94 -2.39 27.53 21.26
C TYR B 94 -3.05 26.17 21.47
N PRO B 95 -3.26 25.37 20.39
CA PRO B 95 -2.80 25.48 19.01
C PRO B 95 -3.80 25.97 17.95
N TYR B 96 -4.56 27.00 18.28
CA TYR B 96 -5.34 27.76 17.28
C TYR B 96 -6.26 26.92 16.39
N THR B 97 -6.80 25.85 16.97
CA THR B 97 -7.61 24.83 16.29
C THR B 97 -8.82 25.30 15.46
N PHE B 98 -8.99 24.63 14.31
CA PHE B 98 -10.09 24.84 13.38
C PHE B 98 -11.24 23.83 13.63
N GLY B 99 -12.48 24.25 13.37
CA GLY B 99 -13.60 23.31 13.24
C GLY B 99 -13.48 22.45 11.99
N GLN B 100 -14.23 21.37 11.91
CA GLN B 100 -13.98 20.40 10.82
C GLN B 100 -14.60 20.83 9.47
N GLY B 101 -15.31 21.96 9.48
CA GLY B 101 -15.92 22.51 8.29
C GLY B 101 -17.39 22.13 8.17
N THR B 102 -18.14 22.98 7.48
CA THR B 102 -19.55 22.75 7.16
C THR B 102 -19.74 23.04 5.67
N LYS B 103 -20.07 21.99 4.92
CA LYS B 103 -20.28 22.16 3.48
C LYS B 103 -21.65 22.78 3.22
N VAL B 104 -21.67 23.87 2.48
CA VAL B 104 -22.92 24.47 2.05
C VAL B 104 -23.06 24.23 0.56
N GLU B 105 -24.00 23.34 0.23
CA GLU B 105 -24.16 22.74 -1.11
C GLU B 105 -25.42 23.22 -1.86
N ILE B 106 -25.31 23.37 -3.18
CA ILE B 106 -26.48 23.67 -4.00
C ILE B 106 -27.53 22.54 -3.89
N LYS B 107 -28.74 22.93 -3.50
CA LYS B 107 -29.87 22.00 -3.35
C LYS B 107 -30.11 21.23 -4.65
N GLY B 108 -30.11 21.97 -5.76
CA GLY B 108 -30.32 21.39 -7.10
C GLY B 108 -31.69 20.74 -7.19
N GLN B 109 -31.74 19.56 -7.81
CA GLN B 109 -32.97 18.84 -8.08
C GLN B 109 -32.88 17.49 -7.37
N PRO B 110 -33.32 17.39 -6.11
CA PRO B 110 -32.99 16.23 -5.29
C PRO B 110 -33.53 14.90 -5.78
N LYS B 111 -34.62 14.94 -6.56
CA LYS B 111 -35.22 13.67 -7.02
C LYS B 111 -34.86 13.28 -8.47
N ALA B 112 -33.99 14.06 -9.11
CA ALA B 112 -33.51 13.77 -10.47
C ALA B 112 -32.79 12.42 -10.50
N ALA B 113 -32.97 11.64 -11.57
CA ALA B 113 -32.03 10.56 -11.93
C ALA B 113 -30.63 11.13 -12.19
N PRO B 114 -29.60 10.40 -11.78
CA PRO B 114 -28.19 10.60 -12.19
C PRO B 114 -28.08 10.55 -13.71
N SER B 115 -27.28 11.45 -14.31
CA SER B 115 -26.86 11.25 -15.70
C SER B 115 -25.59 10.44 -15.81
N VAL B 116 -25.65 9.42 -16.66
CA VAL B 116 -24.59 8.44 -16.74
C VAL B 116 -24.13 8.30 -18.18
N THR B 117 -22.81 8.31 -18.35
CA THR B 117 -22.22 8.08 -19.68
C THR B 117 -21.17 6.99 -19.58
N LEU B 118 -21.24 6.00 -20.49
CA LEU B 118 -20.40 4.82 -20.40
C LEU B 118 -19.60 4.61 -21.69
N PHE B 119 -18.29 4.65 -21.60
CA PHE B 119 -17.43 4.39 -22.78
C PHE B 119 -16.81 3.01 -22.70
N PRO B 120 -16.82 2.26 -23.80
CA PRO B 120 -16.20 0.95 -23.91
C PRO B 120 -14.66 1.05 -24.05
N PRO B 121 -13.94 -0.09 -23.98
CA PRO B 121 -12.50 -0.07 -24.25
C PRO B 121 -12.20 0.42 -25.67
N SER B 122 -11.15 1.21 -25.87
CA SER B 122 -10.75 1.52 -27.24
C SER B 122 -9.91 0.39 -27.86
N SER B 123 -9.83 0.35 -29.18
CA SER B 123 -8.99 -0.64 -29.87
C SER B 123 -7.52 -0.44 -29.47
N GLU B 124 -7.11 0.83 -29.31
CA GLU B 124 -5.80 1.13 -28.72
C GLU B 124 -5.51 0.42 -27.39
N GLU B 125 -6.43 0.46 -26.42
CA GLU B 125 -6.11 -0.18 -25.12
C GLU B 125 -6.18 -1.66 -25.24
N LEU B 126 -7.14 -2.16 -26.04
CA LEU B 126 -7.21 -3.60 -26.25
C LEU B 126 -5.90 -4.10 -26.84
N GLN B 127 -5.29 -3.35 -27.74
CA GLN B 127 -4.01 -3.74 -28.32
C GLN B 127 -2.85 -3.70 -27.35
N ALA B 128 -3.00 -2.97 -26.26
CA ALA B 128 -2.04 -2.92 -25.23
C ALA B 128 -2.37 -3.96 -24.16
N ASN B 129 -3.06 -5.00 -24.60
CA ASN B 129 -3.49 -6.17 -23.81
C ASN B 129 -4.18 -5.84 -22.51
N LYS B 130 -4.94 -4.77 -22.60
CA LYS B 130 -5.63 -4.27 -21.45
C LYS B 130 -6.96 -3.66 -21.89
N ALA B 131 -7.77 -3.18 -20.99
CA ALA B 131 -9.03 -2.62 -21.39
C ALA B 131 -9.74 -1.96 -20.22
N THR B 132 -10.33 -0.82 -20.46
CA THR B 132 -11.01 -0.11 -19.40
C THR B 132 -12.41 0.40 -19.79
N LEU B 133 -13.39 0.08 -18.98
CA LEU B 133 -14.72 0.66 -19.05
C LEU B 133 -14.81 1.92 -18.17
N VAL B 134 -15.31 2.99 -18.79
CA VAL B 134 -15.30 4.30 -18.18
C VAL B 134 -16.76 4.80 -17.99
N CYS B 135 -17.17 4.94 -16.74
CA CYS B 135 -18.53 5.38 -16.38
C CYS B 135 -18.51 6.76 -15.73
N LEU B 136 -19.07 7.73 -16.45
CA LEU B 136 -19.06 9.10 -16.03
C LEU B 136 -20.45 9.50 -15.53
N ILE B 137 -20.46 10.23 -14.44
CA ILE B 137 -21.69 10.56 -13.72
C ILE B 137 -21.77 12.03 -13.40
N SER B 138 -22.90 12.63 -13.80
CA SER B 138 -23.17 14.02 -13.53
C SER B 138 -24.55 14.15 -12.88
N ASP B 139 -24.61 14.76 -11.70
CA ASP B 139 -25.85 14.77 -10.90
C ASP B 139 -26.22 16.19 -10.56
N PHE B 140 -27.52 16.47 -10.51
CA PHE B 140 -28.00 17.79 -10.08
C PHE B 140 -28.12 17.96 -8.55
N TYR B 141 -27.44 17.11 -7.77
CA TYR B 141 -27.51 17.10 -6.29
C TYR B 141 -26.20 16.59 -5.69
N PRO B 142 -25.90 16.96 -4.43
CA PRO B 142 -24.64 16.63 -3.76
C PRO B 142 -24.43 15.22 -3.22
N GLY B 143 -25.49 14.44 -3.06
CA GLY B 143 -25.32 13.18 -2.30
C GLY B 143 -24.47 12.09 -2.92
N ALA B 144 -23.98 11.15 -2.09
CA ALA B 144 -23.24 9.99 -2.61
C ALA B 144 -24.13 9.19 -3.57
N VAL B 145 -23.53 8.48 -4.52
CA VAL B 145 -24.29 7.49 -5.30
C VAL B 145 -23.68 6.10 -5.12
N THR B 146 -24.44 5.07 -5.44
CA THR B 146 -23.92 3.74 -5.52
C THR B 146 -23.68 3.37 -6.98
N VAL B 147 -22.51 2.81 -7.28
CA VAL B 147 -22.20 2.27 -8.62
C VAL B 147 -22.02 0.75 -8.62
N ALA B 148 -22.80 0.05 -9.44
CA ALA B 148 -22.60 -1.40 -9.59
C ALA B 148 -22.22 -1.71 -11.04
N TRP B 149 -21.31 -2.66 -11.20
CA TRP B 149 -20.89 -3.09 -12.55
C TRP B 149 -21.41 -4.44 -12.85
N LYS B 150 -21.82 -4.67 -14.08
CA LYS B 150 -22.29 -6.00 -14.49
C LYS B 150 -21.59 -6.51 -15.73
N ALA B 151 -21.27 -7.80 -15.75
CA ALA B 151 -20.89 -8.56 -16.97
C ALA B 151 -22.12 -9.31 -17.39
N ASP B 152 -22.64 -9.06 -18.58
CA ASP B 152 -23.99 -9.51 -18.92
C ASP B 152 -24.90 -9.00 -17.79
N SER B 153 -25.64 -9.87 -17.10
CA SER B 153 -26.44 -9.44 -15.92
C SER B 153 -25.87 -9.92 -14.58
N SER B 154 -24.65 -10.40 -14.55
CA SER B 154 -24.04 -10.80 -13.27
C SER B 154 -23.25 -9.63 -12.67
N PRO B 155 -23.44 -9.35 -11.37
CA PRO B 155 -22.65 -8.31 -10.69
C PRO B 155 -21.15 -8.61 -10.75
N VAL B 156 -20.34 -7.56 -10.85
CA VAL B 156 -18.88 -7.70 -10.84
C VAL B 156 -18.33 -7.06 -9.56
N LYS B 157 -18.52 -5.76 -9.43
CA LYS B 157 -18.27 -5.08 -8.15
C LYS B 157 -19.21 -3.88 -7.98
N ALA B 158 -19.21 -3.28 -6.78
CA ALA B 158 -20.22 -2.30 -6.36
C ALA B 158 -19.72 -1.50 -5.16
N GLY B 159 -19.72 -0.18 -5.28
CA GLY B 159 -19.22 0.65 -4.20
C GLY B 159 -20.03 1.92 -4.12
N VAL B 160 -19.90 2.61 -3.00
CA VAL B 160 -20.52 3.89 -2.83
C VAL B 160 -19.46 4.92 -3.19
N GLU B 161 -19.83 5.97 -3.89
CA GLU B 161 -18.86 6.97 -4.32
C GLU B 161 -19.41 8.34 -4.05
N THR B 162 -18.58 9.22 -3.53
CA THR B 162 -19.01 10.57 -3.28
C THR B 162 -18.70 11.38 -4.53
N THR B 163 -19.53 12.37 -4.77
CA THR B 163 -19.39 13.22 -5.93
C THR B 163 -18.74 14.50 -5.46
N THR B 164 -18.24 15.34 -6.38
CA THR B 164 -17.74 16.66 -5.99
C THR B 164 -18.27 17.71 -6.97
N PRO B 165 -18.46 18.96 -6.52
CA PRO B 165 -19.04 20.00 -7.41
C PRO B 165 -18.06 20.34 -8.52
N SER B 166 -18.55 20.87 -9.64
CA SER B 166 -17.66 21.11 -10.78
C SER B 166 -17.66 22.54 -11.34
N LYS B 167 -16.52 22.93 -11.92
CA LYS B 167 -16.24 24.30 -12.36
C LYS B 167 -17.41 25.01 -13.06
N ASN B 171 -23.97 24.72 -10.54
CA ASN B 171 -23.44 23.67 -11.39
C ASN B 171 -23.70 22.28 -10.77
N LYS B 172 -23.46 21.25 -11.56
CA LYS B 172 -23.68 19.86 -11.20
C LYS B 172 -22.55 19.25 -10.35
N TYR B 173 -22.76 18.03 -9.82
CA TYR B 173 -21.79 17.25 -9.04
C TYR B 173 -21.34 16.07 -9.86
N ALA B 174 -20.05 15.75 -9.80
CA ALA B 174 -19.48 14.72 -10.68
C ALA B 174 -18.82 13.57 -9.95
N ALA B 175 -18.90 12.40 -10.57
CA ALA B 175 -18.15 11.21 -10.14
C ALA B 175 -17.86 10.32 -11.36
N SER B 176 -17.04 9.30 -11.15
CA SER B 176 -16.74 8.35 -12.19
C SER B 176 -16.27 7.03 -11.59
N SER B 177 -16.32 5.99 -12.39
CA SER B 177 -15.92 4.67 -11.91
C SER B 177 -15.31 3.94 -13.10
N TYR B 178 -14.37 3.03 -12.83
CA TYR B 178 -13.57 2.37 -13.84
C TYR B 178 -13.58 0.89 -13.65
N LEU B 179 -13.70 0.13 -14.74
CA LEU B 179 -13.64 -1.31 -14.58
C LEU B 179 -12.62 -1.80 -15.57
N SER B 180 -11.58 -2.46 -15.06
CA SER B 180 -10.50 -2.99 -15.87
C SER B 180 -10.85 -4.40 -16.24
N LEU B 181 -10.56 -4.78 -17.47
CA LEU B 181 -10.90 -6.08 -18.00
C LEU B 181 -9.76 -6.60 -18.84
N THR B 182 -9.65 -7.91 -18.97
CA THR B 182 -8.82 -8.48 -20.04
C THR B 182 -9.52 -8.24 -21.38
N PRO B 183 -8.79 -8.24 -22.50
CA PRO B 183 -9.43 -8.19 -23.80
C PRO B 183 -10.33 -9.41 -24.05
N GLU B 184 -9.94 -10.58 -23.57
CA GLU B 184 -10.82 -11.74 -23.74
C GLU B 184 -12.14 -11.56 -22.97
N GLN B 185 -12.08 -10.93 -21.80
CA GLN B 185 -13.32 -10.66 -21.03
C GLN B 185 -14.32 -9.78 -21.79
N TRP B 186 -13.79 -8.72 -22.40
CA TRP B 186 -14.60 -7.79 -23.14
C TRP B 186 -15.17 -8.41 -24.38
N LYS B 187 -14.34 -9.14 -25.13
CA LYS B 187 -14.79 -9.73 -26.39
C LYS B 187 -15.82 -10.86 -26.17
N SER B 188 -15.67 -11.61 -25.10
CA SER B 188 -16.48 -12.85 -24.93
C SER B 188 -17.88 -12.64 -24.30
N HIS B 189 -18.09 -11.54 -23.60
CA HIS B 189 -19.42 -11.24 -23.06
C HIS B 189 -20.27 -10.50 -24.04
N ARG B 190 -21.58 -10.75 -23.98
CA ARG B 190 -22.53 -10.01 -24.81
C ARG B 190 -22.45 -8.50 -24.53
N SER B 191 -22.29 -8.14 -23.27
CA SER B 191 -22.27 -6.72 -22.89
C SER B 191 -21.68 -6.52 -21.51
N TYR B 192 -21.39 -5.27 -21.19
CA TYR B 192 -21.11 -4.83 -19.80
C TYR B 192 -21.95 -3.61 -19.48
N SER B 193 -22.23 -3.43 -18.18
CA SER B 193 -23.15 -2.42 -17.69
C SER B 193 -22.61 -1.70 -16.46
N CYS B 194 -22.80 -0.37 -16.44
CA CYS B 194 -22.62 0.47 -15.26
C CYS B 194 -24.00 0.91 -14.77
N GLN B 195 -24.29 0.67 -13.49
CA GLN B 195 -25.59 0.99 -12.90
C GLN B 195 -25.43 1.92 -11.71
N VAL B 196 -26.06 3.10 -11.78
CA VAL B 196 -25.86 4.17 -10.82
C VAL B 196 -27.18 4.49 -10.13
N THR B 197 -27.13 4.46 -8.80
CA THR B 197 -28.31 4.62 -7.94
C THR B 197 -28.13 5.75 -6.96
N HIS B 198 -29.13 6.63 -6.93
CA HIS B 198 -29.24 7.63 -5.89
C HIS B 198 -30.65 7.62 -5.35
N GLU B 199 -30.79 7.23 -4.08
CA GLU B 199 -32.08 7.17 -3.39
C GLU B 199 -33.11 6.33 -4.17
N GLY B 200 -34.19 6.93 -4.65
CA GLY B 200 -35.16 6.10 -5.39
C GLY B 200 -34.94 6.02 -6.90
N SER B 201 -33.82 6.53 -7.40
CA SER B 201 -33.53 6.51 -8.83
C SER B 201 -32.31 5.75 -9.23
N THR B 202 -32.47 4.89 -10.25
CA THR B 202 -31.36 4.14 -10.86
C THR B 202 -31.29 4.29 -12.38
N VAL B 203 -30.07 4.53 -12.85
CA VAL B 203 -29.77 4.61 -14.28
C VAL B 203 -28.67 3.64 -14.64
N GLU B 204 -28.99 2.79 -15.62
CA GLU B 204 -28.03 1.82 -16.04
C GLU B 204 -27.72 2.01 -17.52
N LYS B 205 -26.44 2.04 -17.83
CA LYS B 205 -25.99 2.16 -19.20
C LYS B 205 -25.28 0.87 -19.58
N THR B 206 -25.46 0.44 -20.82
CA THR B 206 -24.88 -0.82 -21.30
C THR B 206 -24.01 -0.63 -22.56
N VAL B 207 -22.88 -1.33 -22.64
CA VAL B 207 -22.08 -1.38 -23.89
C VAL B 207 -21.71 -2.80 -24.24
N ALA B 208 -21.53 -3.05 -25.53
CA ALA B 208 -21.24 -4.37 -26.06
C ALA B 208 -20.08 -4.28 -27.07
N PRO B 209 -19.23 -5.32 -27.16
CA PRO B 209 -18.21 -5.30 -28.20
C PRO B 209 -18.85 -5.26 -29.58
N THR B 210 -18.52 -4.24 -30.37
CA THR B 210 -19.12 -4.09 -31.70
C THR B 210 -18.02 -3.65 -32.66
N GLU C 1 -5.03 -13.02 -19.76
CA GLU C 1 -5.24 -14.24 -20.57
C GLU C 1 -5.67 -15.43 -19.70
N VAL C 2 -4.86 -16.49 -19.72
CA VAL C 2 -5.04 -17.65 -18.88
C VAL C 2 -4.80 -17.23 -17.43
N GLN C 3 -5.78 -17.47 -16.56
CA GLN C 3 -5.68 -17.12 -15.16
C GLN C 3 -6.22 -18.23 -14.30
N LEU C 4 -5.43 -18.60 -13.31
CA LEU C 4 -5.83 -19.53 -12.29
C LEU C 4 -5.82 -18.75 -10.96
N VAL C 5 -6.99 -18.40 -10.46
CA VAL C 5 -7.14 -17.61 -9.22
C VAL C 5 -7.65 -18.54 -8.13
N GLU C 6 -6.83 -18.76 -7.10
CA GLU C 6 -7.21 -19.66 -6.00
C GLU C 6 -7.77 -18.93 -4.80
N SER C 7 -8.57 -19.65 -4.00
CA SER C 7 -9.21 -19.17 -2.79
C SER C 7 -9.39 -20.30 -1.80
N GLY C 8 -9.62 -19.96 -0.54
CA GLY C 8 -10.09 -20.94 0.43
C GLY C 8 -9.08 -21.41 1.43
N GLY C 9 -7.85 -20.91 1.31
CA GLY C 9 -6.81 -21.25 2.26
C GLY C 9 -7.10 -20.63 3.62
N GLY C 10 -6.58 -21.27 4.66
CA GLY C 10 -6.66 -20.70 5.99
C GLY C 10 -6.10 -21.61 7.05
N LEU C 11 -6.46 -21.31 8.29
CA LEU C 11 -6.00 -22.00 9.46
C LEU C 11 -6.99 -23.12 9.82
N VAL C 12 -6.48 -24.27 10.23
CA VAL C 12 -7.37 -25.33 10.65
C VAL C 12 -6.69 -26.23 11.67
N GLN C 13 -7.49 -26.82 12.55
CA GLN C 13 -6.98 -27.63 13.65
C GLN C 13 -6.69 -29.02 13.11
N PRO C 14 -5.71 -29.75 13.69
CA PRO C 14 -5.49 -31.13 13.23
C PRO C 14 -6.80 -31.93 13.23
N GLY C 15 -6.99 -32.74 12.19
CA GLY C 15 -8.21 -33.50 12.02
C GLY C 15 -9.31 -32.73 11.32
N GLY C 16 -9.07 -31.44 11.06
CA GLY C 16 -10.03 -30.58 10.36
C GLY C 16 -10.10 -30.83 8.87
N SER C 17 -11.06 -30.17 8.21
CA SER C 17 -11.27 -30.30 6.77
C SER C 17 -11.21 -28.92 6.15
N LEU C 18 -10.92 -28.86 4.86
CA LEU C 18 -10.90 -27.57 4.14
C LEU C 18 -10.98 -27.75 2.62
N ARG C 19 -11.74 -26.89 1.96
CA ARG C 19 -11.94 -26.98 0.52
C ARG C 19 -11.33 -25.82 -0.26
N LEU C 20 -10.35 -26.14 -1.10
CA LEU C 20 -9.70 -25.14 -1.91
C LEU C 20 -10.41 -24.95 -3.25
N SER C 21 -10.37 -23.72 -3.76
CA SER C 21 -10.96 -23.39 -5.04
C SER C 21 -9.94 -22.78 -5.99
N CYS C 22 -10.14 -23.02 -7.29
CA CYS C 22 -9.25 -22.54 -8.33
C CYS C 22 -10.15 -22.12 -9.47
N ALA C 23 -10.39 -20.82 -9.56
CA ALA C 23 -11.25 -20.29 -10.62
C ALA C 23 -10.43 -20.04 -11.88
N ALA C 24 -10.81 -20.71 -12.97
CA ALA C 24 -10.09 -20.60 -14.23
C ALA C 24 -10.78 -19.70 -15.22
N SER C 25 -10.00 -19.00 -16.02
CA SER C 25 -10.53 -18.13 -17.07
C SER C 25 -9.50 -17.99 -18.17
N GLY C 26 -9.98 -17.60 -19.35
CA GLY C 26 -9.13 -17.37 -20.52
C GLY C 26 -8.77 -18.59 -21.35
N PHE C 27 -9.57 -19.65 -21.23
CA PHE C 27 -9.33 -20.89 -21.95
C PHE C 27 -10.47 -21.87 -21.72
N THR C 28 -10.64 -22.80 -22.66
CA THR C 28 -11.69 -23.78 -22.56
C THR C 28 -11.31 -24.74 -21.46
N PHE C 29 -12.01 -24.57 -20.34
CA PHE C 29 -11.75 -25.31 -19.11
C PHE C 29 -11.64 -26.83 -19.34
N THR C 30 -12.64 -27.41 -20.02
CA THR C 30 -12.74 -28.87 -20.23
C THR C 30 -11.67 -29.49 -21.16
N ASP C 31 -11.01 -28.66 -21.98
CA ASP C 31 -9.97 -29.14 -22.91
C ASP C 31 -8.61 -29.49 -22.27
N TYR C 32 -8.43 -29.21 -20.97
CA TYR C 32 -7.13 -29.45 -20.33
C TYR C 32 -7.25 -30.26 -19.06
N THR C 33 -6.26 -31.10 -18.82
CA THR C 33 -6.13 -31.74 -17.52
C THR C 33 -5.49 -30.76 -16.56
N MET C 34 -5.96 -30.76 -15.31
CA MET C 34 -5.50 -29.81 -14.30
C MET C 34 -5.09 -30.49 -13.01
N ASP C 35 -4.23 -29.80 -12.27
CA ASP C 35 -3.55 -30.42 -11.14
C ASP C 35 -3.54 -29.56 -9.90
N TRP C 36 -3.20 -30.22 -8.79
CA TRP C 36 -2.83 -29.54 -7.57
C TRP C 36 -1.46 -29.97 -7.20
N VAL C 37 -0.66 -29.01 -6.76
CA VAL C 37 0.75 -29.25 -6.41
C VAL C 37 0.99 -28.45 -5.14
N ARG C 38 1.81 -28.97 -4.24
CA ARG C 38 2.04 -28.21 -3.02
C ARG C 38 3.51 -27.90 -2.77
N TYR C 39 3.73 -26.80 -2.08
CA TYR C 39 5.06 -26.38 -1.67
C TYR C 39 5.10 -26.16 -0.17
N ALA C 40 6.09 -26.75 0.52
CA ALA C 40 6.44 -26.35 1.90
C ALA C 40 7.94 -26.03 2.08
N PRO C 41 8.26 -24.95 2.84
CA PRO C 41 9.64 -24.64 3.11
C PRO C 41 10.33 -25.88 3.65
N GLY C 42 11.43 -26.28 3.01
CA GLY C 42 12.16 -27.45 3.47
C GLY C 42 11.60 -28.76 2.99
N LYS C 43 10.59 -28.75 2.12
CA LYS C 43 9.93 -30.00 1.75
C LYS C 43 10.08 -30.70 0.36
N GLY C 44 10.05 -30.06 -0.82
CA GLY C 44 9.69 -28.69 -1.13
C GLY C 44 8.47 -28.71 -2.08
N LEU C 45 8.57 -29.27 -3.30
CA LEU C 45 7.36 -29.46 -4.14
C LEU C 45 6.88 -30.90 -4.25
N GLU C 46 5.57 -31.05 -4.21
CA GLU C 46 4.97 -32.37 -4.36
C GLU C 46 3.67 -32.34 -5.17
N TRP C 47 3.61 -33.21 -6.17
CA TRP C 47 2.39 -33.39 -6.95
C TRP C 47 1.32 -34.05 -6.16
N VAL C 48 0.16 -33.40 -6.11
CA VAL C 48 -0.95 -33.89 -5.29
C VAL C 48 -1.93 -34.83 -6.05
N ALA C 49 -2.43 -34.35 -7.19
CA ALA C 49 -3.52 -35.03 -7.92
C ALA C 49 -3.81 -34.32 -9.23
N ASP C 50 -4.50 -35.01 -10.12
CA ASP C 50 -4.97 -34.39 -11.36
C ASP C 50 -6.41 -34.85 -11.67
N VAL C 51 -7.15 -34.03 -12.43
CA VAL C 51 -8.49 -34.37 -12.89
C VAL C 51 -8.56 -34.12 -14.37
N ASN C 52 -9.09 -35.07 -15.11
CA ASN C 52 -9.37 -34.86 -16.54
C ASN C 52 -10.86 -34.48 -16.61
N PRO C 53 -11.18 -33.20 -16.89
CA PRO C 53 -12.59 -32.83 -16.91
C PRO C 53 -13.34 -33.38 -18.14
N ASN C 54 -12.60 -33.84 -19.14
CA ASN C 54 -13.19 -34.37 -20.37
C ASN C 54 -13.69 -35.82 -20.12
N SER C 55 -12.92 -36.60 -19.36
CA SER C 55 -13.25 -38.00 -19.09
C SER C 55 -14.00 -38.18 -17.75
N GLY C 56 -13.83 -37.19 -16.87
CA GLY C 56 -14.34 -37.25 -15.48
C GLY C 56 -13.35 -37.95 -14.56
N GLY C 57 -12.23 -38.37 -15.14
CA GLY C 57 -11.22 -39.15 -14.39
C GLY C 57 -10.40 -38.27 -13.47
N SER C 58 -10.05 -38.81 -12.30
CA SER C 58 -9.16 -38.19 -11.30
C SER C 58 -8.13 -39.20 -10.82
N ILE C 59 -6.89 -38.75 -10.70
CA ILE C 59 -5.80 -39.59 -10.20
C ILE C 59 -5.09 -38.88 -9.03
N TYR C 60 -4.75 -39.65 -7.99
CA TYR C 60 -4.22 -39.10 -6.75
C TYR C 60 -2.87 -39.66 -6.40
N ASN C 61 -1.98 -38.81 -5.90
CA ASN C 61 -0.73 -39.25 -5.29
C ASN C 61 -1.08 -40.15 -4.11
N GLN C 62 -0.55 -41.37 -4.12
CA GLN C 62 -0.84 -42.39 -3.11
C GLN C 62 -0.50 -41.97 -1.70
N ARG C 63 0.57 -41.18 -1.59
CA ARG C 63 1.10 -40.72 -0.30
C ARG C 63 0.06 -40.00 0.55
N PHE C 64 -1.01 -39.51 -0.09
CA PHE C 64 -2.07 -38.79 0.63
C PHE C 64 -3.14 -39.73 1.20
N LYS C 65 -2.98 -41.02 0.93
CA LYS C 65 -3.80 -42.07 1.54
C LYS C 65 -5.33 -41.82 1.44
N GLY C 66 -5.77 -41.26 0.30
CA GLY C 66 -7.20 -41.10 0.00
C GLY C 66 -7.91 -39.96 0.69
N ARG C 67 -7.13 -39.08 1.34
CA ARG C 67 -7.72 -38.07 2.21
C ARG C 67 -8.18 -36.85 1.47
N PHE C 68 -7.69 -36.68 0.25
CA PHE C 68 -8.04 -35.52 -0.57
C PHE C 68 -8.90 -35.96 -1.75
N THR C 69 -9.85 -35.11 -2.15
CA THR C 69 -10.68 -35.41 -3.32
C THR C 69 -10.84 -34.19 -4.22
N LEU C 70 -10.56 -34.36 -5.53
CA LEU C 70 -10.81 -33.29 -6.51
C LEU C 70 -12.21 -33.38 -7.05
N SER C 71 -12.73 -32.26 -7.51
CA SER C 71 -13.99 -32.22 -8.22
C SER C 71 -13.96 -30.96 -9.04
N VAL C 72 -14.94 -30.81 -9.90
CA VAL C 72 -14.92 -29.72 -10.82
C VAL C 72 -16.34 -29.14 -10.90
N ASP C 73 -16.45 -27.86 -11.25
CA ASP C 73 -17.76 -27.27 -11.54
C ASP C 73 -17.65 -26.50 -12.86
N ARG C 74 -18.09 -27.14 -13.94
CA ARG C 74 -17.88 -26.62 -15.31
C ARG C 74 -18.47 -25.27 -15.62
N SER C 75 -19.68 -25.02 -15.10
CA SER C 75 -20.36 -23.76 -15.40
C SER C 75 -19.75 -22.60 -14.62
N LYS C 76 -18.88 -22.91 -13.66
CA LYS C 76 -18.10 -21.91 -12.94
C LYS C 76 -16.63 -21.93 -13.38
N ASN C 77 -16.28 -22.85 -14.29
CA ASN C 77 -14.89 -23.02 -14.76
C ASN C 77 -13.90 -23.10 -13.58
N THR C 78 -14.22 -23.97 -12.62
CA THR C 78 -13.61 -23.91 -11.33
C THR C 78 -13.34 -25.32 -10.89
N LEU C 79 -12.13 -25.58 -10.40
CA LEU C 79 -11.84 -26.86 -9.76
C LEU C 79 -11.60 -26.71 -8.25
N TYR C 80 -11.74 -27.82 -7.54
CA TYR C 80 -11.73 -27.85 -6.09
C TYR C 80 -10.80 -28.91 -5.57
N LEU C 81 -10.31 -28.72 -4.36
CA LEU C 81 -9.60 -29.78 -3.65
C LEU C 81 -10.20 -29.80 -2.26
N GLN C 82 -10.85 -30.91 -1.94
CA GLN C 82 -11.46 -31.10 -0.64
C GLN C 82 -10.41 -31.87 0.13
N MET C 83 -9.99 -31.34 1.28
CA MET C 83 -8.92 -31.95 2.05
C MET C 83 -9.50 -32.34 3.41
N ASN C 84 -9.28 -33.59 3.80
CA ASN C 84 -9.86 -34.12 5.03
C ASN C 84 -8.79 -34.72 5.91
N SER C 85 -9.10 -34.90 7.19
CA SER C 85 -8.13 -35.42 8.17
C SER C 85 -6.76 -34.73 8.08
N LEU C 86 -6.75 -33.41 8.13
CA LEU C 86 -5.51 -32.65 7.96
C LEU C 86 -4.63 -32.74 9.17
N ARG C 87 -3.36 -33.02 8.93
CA ARG C 87 -2.34 -33.03 9.97
C ARG C 87 -1.42 -31.83 9.79
N ALA C 88 -0.59 -31.58 10.81
CA ALA C 88 0.40 -30.50 10.79
C ALA C 88 1.31 -30.55 9.54
N GLU C 89 1.73 -31.75 9.16
CA GLU C 89 2.59 -31.95 8.01
C GLU C 89 1.93 -31.63 6.68
N ASP C 90 0.62 -31.39 6.68
CA ASP C 90 -0.09 -30.92 5.47
C ASP C 90 -0.01 -29.41 5.27
N THR C 91 0.56 -28.69 6.25
CA THR C 91 0.75 -27.24 6.14
C THR C 91 1.59 -26.94 4.90
N ALA C 92 1.11 -26.05 4.04
CA ALA C 92 1.78 -25.83 2.76
C ALA C 92 1.06 -24.78 1.98
N VAL C 93 1.74 -24.33 0.93
CA VAL C 93 1.10 -23.50 -0.08
C VAL C 93 0.60 -24.47 -1.15
N TYR C 94 -0.67 -24.33 -1.50
CA TYR C 94 -1.30 -25.21 -2.48
C TYR C 94 -1.52 -24.47 -3.77
N TYR C 95 -0.97 -25.00 -4.86
CA TYR C 95 -1.18 -24.41 -6.18
C TYR C 95 -2.06 -25.31 -7.00
N CYS C 96 -2.90 -24.69 -7.83
CA CYS C 96 -3.46 -25.42 -8.98
C CYS C 96 -2.62 -25.06 -10.21
N ALA C 97 -2.70 -25.91 -11.22
CA ALA C 97 -1.81 -25.85 -12.35
C ALA C 97 -2.47 -26.55 -13.53
N ARG C 98 -2.05 -26.17 -14.74
CA ARG C 98 -2.62 -26.75 -15.95
C ARG C 98 -1.57 -27.62 -16.65
N ASN C 99 -2.01 -28.73 -17.21
CA ASN C 99 -1.13 -29.57 -18.01
C ASN C 99 -0.98 -28.95 -19.38
N LEU C 100 0.21 -29.09 -19.94
CA LEU C 100 0.41 -28.75 -21.32
C LEU C 100 0.04 -30.01 -22.08
N GLY C 101 -1.21 -30.05 -22.57
CA GLY C 101 -1.67 -31.18 -23.35
C GLY C 101 -1.60 -32.44 -22.50
N PRO C 102 -1.09 -33.52 -23.07
CA PRO C 102 -1.12 -34.80 -22.36
C PRO C 102 0.02 -35.02 -21.37
N SER C 103 0.96 -34.07 -21.28
CA SER C 103 2.13 -34.26 -20.45
C SER C 103 1.97 -33.55 -19.10
N PHE C 104 2.44 -34.19 -18.02
CA PHE C 104 2.16 -33.71 -16.66
C PHE C 104 3.25 -32.77 -16.14
N TYR C 105 3.51 -31.70 -16.88
CA TYR C 105 4.34 -30.60 -16.40
C TYR C 105 3.51 -29.36 -16.68
N PHE C 106 3.82 -28.28 -15.98
CA PHE C 106 2.85 -27.18 -15.91
C PHE C 106 3.36 -25.85 -16.32
N ASP C 107 2.57 -25.22 -17.19
CA ASP C 107 2.88 -23.93 -17.75
C ASP C 107 2.18 -22.85 -16.95
N TYR C 108 0.88 -22.98 -16.77
CA TYR C 108 0.16 -22.02 -15.94
C TYR C 108 -0.10 -22.56 -14.53
N TRP C 109 0.06 -21.69 -13.53
CA TRP C 109 -0.09 -22.02 -12.11
C TRP C 109 -0.99 -20.99 -11.49
N GLY C 110 -1.69 -21.39 -10.44
CA GLY C 110 -2.37 -20.46 -9.57
C GLY C 110 -1.35 -19.72 -8.71
N GLN C 111 -1.81 -18.65 -8.07
CA GLN C 111 -0.93 -17.78 -7.29
C GLN C 111 -0.61 -18.47 -5.99
N GLY C 112 -1.44 -19.43 -5.62
CA GLY C 112 -1.17 -20.23 -4.42
C GLY C 112 -2.05 -19.82 -3.26
N THR C 113 -2.33 -20.74 -2.36
CA THR C 113 -3.09 -20.39 -1.18
C THR C 113 -2.52 -21.16 0.02
N LEU C 114 -2.31 -20.45 1.12
CA LEU C 114 -1.61 -21.05 2.26
C LEU C 114 -2.62 -21.79 3.11
N VAL C 115 -2.26 -23.04 3.45
CA VAL C 115 -3.06 -23.83 4.38
C VAL C 115 -2.19 -24.13 5.60
N THR C 116 -2.63 -23.71 6.77
CA THR C 116 -1.89 -23.96 7.99
C THR C 116 -2.72 -24.84 8.92
N VAL C 117 -2.11 -25.94 9.34
CA VAL C 117 -2.73 -26.90 10.21
C VAL C 117 -1.95 -26.92 11.51
N SER C 118 -2.57 -26.46 12.59
CA SER C 118 -1.92 -26.32 13.90
C SER C 118 -2.93 -26.46 15.05
N SER C 119 -2.49 -27.04 16.16
CA SER C 119 -3.23 -26.97 17.41
C SER C 119 -3.29 -25.51 17.92
N ALA C 120 -2.27 -24.72 17.61
CA ALA C 120 -2.22 -23.35 18.11
C ALA C 120 -3.42 -22.52 17.66
N SER C 121 -3.78 -21.52 18.45
CA SER C 121 -4.97 -20.72 18.20
C SER C 121 -4.61 -19.25 17.92
N THR C 122 -5.39 -18.61 17.05
CA THR C 122 -5.14 -17.23 16.65
C THR C 122 -4.97 -16.26 17.85
N LYS C 123 -3.92 -15.44 17.85
CA LYS C 123 -3.59 -14.57 19.01
C LYS C 123 -2.79 -13.32 18.59
N GLY C 124 -3.21 -12.15 19.06
CA GLY C 124 -2.47 -10.91 18.82
C GLY C 124 -1.17 -10.91 19.64
N PRO C 125 -0.17 -10.16 19.19
CA PRO C 125 1.07 -10.12 19.93
C PRO C 125 1.03 -9.21 21.17
N SER C 126 1.92 -9.48 22.13
CA SER C 126 2.30 -8.49 23.12
C SER C 126 3.53 -7.77 22.58
N VAL C 127 3.51 -6.45 22.60
CA VAL C 127 4.59 -5.65 22.07
C VAL C 127 5.30 -4.94 23.24
N PHE C 128 6.55 -5.32 23.49
CA PHE C 128 7.35 -4.79 24.60
C PHE C 128 8.45 -3.88 24.04
N PRO C 129 8.66 -2.68 24.63
CA PRO C 129 9.73 -1.81 24.16
C PRO C 129 11.12 -2.34 24.56
N LEU C 130 12.11 -2.20 23.67
CA LEU C 130 13.49 -2.56 23.98
C LEU C 130 14.22 -1.23 24.11
N ALA C 131 14.31 -0.73 25.33
CA ALA C 131 14.82 0.63 25.54
C ALA C 131 16.29 0.77 25.14
N PRO C 132 16.65 1.92 24.57
CA PRO C 132 18.06 2.26 24.31
C PRO C 132 18.80 2.39 25.64
N SER C 133 20.07 1.98 25.69
CA SER C 133 20.84 2.08 26.95
C SER C 133 21.69 3.35 27.00
N GLY C 140 26.52 9.28 21.33
CA GLY C 140 26.82 8.68 20.02
C GLY C 140 25.60 8.18 19.22
N THR C 141 25.58 6.89 18.87
CA THR C 141 24.41 6.26 18.22
C THR C 141 23.83 5.10 19.06
N ALA C 142 22.52 5.17 19.33
CA ALA C 142 21.81 4.21 20.19
C ALA C 142 20.98 3.18 19.42
N ALA C 143 20.90 1.97 19.97
CA ALA C 143 20.02 0.94 19.41
C ALA C 143 18.78 0.79 20.30
N LEU C 144 17.64 0.60 19.66
CA LEU C 144 16.39 0.41 20.38
C LEU C 144 15.43 -0.38 19.49
N GLY C 145 14.38 -0.95 20.06
CA GLY C 145 13.44 -1.73 19.27
C GLY C 145 12.20 -2.16 20.01
N CYS C 146 11.51 -3.17 19.48
CA CYS C 146 10.42 -3.81 20.20
C CYS C 146 10.41 -5.31 19.99
N LEU C 147 10.04 -5.97 21.07
CA LEU C 147 9.90 -7.40 21.07
C LEU C 147 8.42 -7.71 20.78
N VAL C 148 8.20 -8.45 19.69
CA VAL C 148 6.81 -8.73 19.23
C VAL C 148 6.49 -10.15 19.65
N LYS C 149 5.79 -10.29 20.75
CA LYS C 149 5.88 -11.59 21.43
C LYS C 149 4.58 -12.39 21.48
N ASP C 150 4.72 -13.71 21.27
CA ASP C 150 3.62 -14.67 21.39
C ASP C 150 2.41 -14.37 20.51
N TYR C 151 2.59 -14.46 19.20
CA TYR C 151 1.46 -14.29 18.32
C TYR C 151 1.27 -15.51 17.46
N PHE C 152 0.08 -15.64 16.87
CA PHE C 152 -0.28 -16.74 15.95
C PHE C 152 -1.52 -16.40 15.12
N PRO C 153 -1.50 -16.73 13.81
CA PRO C 153 -0.35 -17.32 13.10
C PRO C 153 0.56 -16.23 12.50
N GLU C 154 1.60 -16.64 11.77
CA GLU C 154 2.39 -15.69 10.98
C GLU C 154 1.44 -14.99 10.01
N PRO C 155 1.79 -13.81 9.51
CA PRO C 155 2.90 -12.87 9.71
C PRO C 155 2.51 -11.65 10.54
N VAL C 156 3.49 -11.00 11.16
CA VAL C 156 3.35 -9.62 11.55
C VAL C 156 4.23 -8.78 10.63
N THR C 157 3.86 -7.52 10.47
CA THR C 157 4.71 -6.58 9.77
C THR C 157 5.00 -5.41 10.74
N VAL C 158 6.21 -4.89 10.66
CA VAL C 158 6.62 -3.82 11.60
C VAL C 158 7.08 -2.57 10.86
N SER C 159 6.66 -1.42 11.34
CA SER C 159 7.22 -0.18 10.82
C SER C 159 7.57 0.69 11.99
N TRP C 160 8.17 1.84 11.72
CA TRP C 160 8.60 2.72 12.79
C TRP C 160 8.17 4.09 12.46
N ASN C 161 7.61 4.79 13.43
CA ASN C 161 7.10 6.14 13.20
C ASN C 161 6.19 6.25 11.99
N SER C 162 5.26 5.30 11.90
CA SER C 162 4.29 5.18 10.80
C SER C 162 4.96 5.17 9.45
N GLY C 163 6.12 4.52 9.37
CA GLY C 163 6.86 4.38 8.11
C GLY C 163 7.81 5.54 7.79
N ALA C 164 7.79 6.59 8.62
CA ALA C 164 8.68 7.75 8.47
C ALA C 164 10.13 7.45 8.86
N LEU C 165 10.39 6.22 9.28
CA LEU C 165 11.71 5.82 9.76
C LEU C 165 12.09 4.49 9.15
N THR C 166 13.00 4.54 8.17
CA THR C 166 13.33 3.37 7.37
C THR C 166 14.80 2.99 7.49
N SER C 167 15.68 3.97 7.64
CA SER C 167 17.10 3.65 7.60
C SER C 167 17.61 3.25 8.99
N GLY C 168 18.36 2.15 9.02
CA GLY C 168 18.87 1.60 10.27
C GLY C 168 17.90 0.65 10.93
N VAL C 169 16.75 0.43 10.31
CA VAL C 169 15.71 -0.45 10.85
C VAL C 169 16.00 -1.89 10.42
N HIS C 170 16.03 -2.83 11.36
CA HIS C 170 16.01 -4.23 10.92
C HIS C 170 15.01 -5.02 11.69
N THR C 171 14.07 -5.66 10.98
CA THR C 171 13.10 -6.51 11.63
C THR C 171 13.55 -7.91 11.30
N PHE C 172 13.64 -8.77 12.30
CA PHE C 172 14.15 -10.12 12.15
C PHE C 172 13.05 -11.17 11.90
N PRO C 173 13.38 -12.26 11.19
CA PRO C 173 12.48 -13.43 11.10
C PRO C 173 12.01 -13.89 12.47
N ALA C 174 10.93 -14.66 12.51
CA ALA C 174 10.32 -15.05 13.77
C ALA C 174 10.88 -16.38 14.26
N VAL C 175 11.00 -16.52 15.58
CA VAL C 175 11.22 -17.80 16.18
C VAL C 175 9.87 -18.39 16.54
N LEU C 176 9.88 -19.68 16.88
CA LEU C 176 8.70 -20.43 17.26
C LEU C 176 9.04 -21.05 18.60
N GLN C 177 8.18 -20.85 19.60
CA GLN C 177 8.35 -21.48 20.90
C GLN C 177 7.62 -22.82 20.95
N SER C 178 7.91 -23.64 21.97
CA SER C 178 7.21 -24.91 22.17
C SER C 178 5.71 -24.73 22.35
N SER C 179 5.31 -23.55 22.79
CA SER C 179 3.90 -23.18 22.91
C SER C 179 3.17 -23.25 21.57
N GLY C 180 3.93 -23.29 20.48
CA GLY C 180 3.37 -23.11 19.14
C GLY C 180 3.21 -21.64 18.76
N LEU C 181 3.67 -20.74 19.64
CA LEU C 181 3.57 -19.30 19.39
C LEU C 181 4.84 -18.67 18.78
N TYR C 182 4.66 -17.64 17.97
CA TYR C 182 5.78 -16.95 17.31
C TYR C 182 6.16 -15.70 18.06
N SER C 183 7.44 -15.33 17.95
CA SER C 183 7.95 -14.03 18.38
C SER C 183 8.96 -13.49 17.36
N LEU C 184 9.07 -12.18 17.27
CA LEU C 184 10.14 -11.55 16.49
C LEU C 184 10.50 -10.21 17.09
N SER C 185 11.61 -9.62 16.65
CA SER C 185 11.94 -8.29 17.12
C SER C 185 12.35 -7.44 15.96
N SER C 186 12.20 -6.15 16.18
CA SER C 186 12.65 -5.15 15.21
C SER C 186 13.50 -4.14 15.96
N VAL C 187 14.66 -3.83 15.38
CA VAL C 187 15.65 -2.90 15.98
C VAL C 187 15.95 -1.74 15.04
N VAL C 188 16.11 -0.56 15.61
CA VAL C 188 16.55 0.57 14.83
C VAL C 188 17.73 1.26 15.52
N THR C 189 18.67 1.76 14.69
CA THR C 189 19.80 2.56 15.18
C THR C 189 19.60 4.03 14.87
N VAL C 190 19.67 4.87 15.90
CA VAL C 190 19.49 6.31 15.75
C VAL C 190 20.60 7.07 16.51
N PRO C 191 20.74 8.41 16.27
CA PRO C 191 21.69 9.23 17.04
C PRO C 191 21.24 9.41 18.49
N SER C 192 22.19 9.38 19.43
CA SER C 192 21.88 9.49 20.87
C SER C 192 21.31 10.85 21.22
N SER C 193 21.74 11.86 20.47
CA SER C 193 21.27 13.22 20.68
C SER C 193 19.77 13.29 20.42
N SER C 194 19.32 12.59 19.37
CA SER C 194 17.93 12.62 18.96
C SER C 194 16.98 11.92 19.97
N LEU C 195 17.54 11.25 20.99
CA LEU C 195 16.74 10.62 22.05
C LEU C 195 16.01 11.63 22.94
N GLY C 196 16.22 12.92 22.70
CA GLY C 196 15.53 13.98 23.44
C GLY C 196 14.55 14.76 22.56
N THR C 197 14.95 15.05 21.34
CA THR C 197 14.12 15.78 20.37
C THR C 197 13.03 14.89 19.73
N GLN C 198 13.25 13.58 19.73
CA GLN C 198 12.55 12.71 18.79
C GLN C 198 11.82 11.57 19.46
N THR C 199 10.68 11.20 18.88
CA THR C 199 9.82 10.15 19.41
C THR C 199 9.97 8.87 18.57
N TYR C 200 10.13 7.72 19.25
CA TYR C 200 10.31 6.42 18.58
C TYR C 200 9.15 5.44 18.89
N ILE C 201 8.38 5.12 17.87
CA ILE C 201 7.20 4.28 18.02
C ILE C 201 7.28 3.16 17.01
N CYS C 202 7.21 1.93 17.49
CA CYS C 202 7.06 0.86 16.54
C CYS C 202 5.60 0.50 16.32
N ASN C 203 5.25 0.32 15.05
CA ASN C 203 3.89 -0.01 14.61
C ASN C 203 3.85 -1.45 14.16
N VAL C 204 3.08 -2.24 14.89
CA VAL C 204 3.05 -3.67 14.67
C VAL C 204 1.68 -4.06 14.12
N ASN C 205 1.64 -4.56 12.89
CA ASN C 205 0.38 -5.03 12.30
C ASN C 205 0.29 -6.54 12.28
N HIS C 206 -0.76 -7.07 12.89
CA HIS C 206 -1.06 -8.50 12.88
C HIS C 206 -2.45 -8.76 12.32
N LYS C 207 -2.50 -8.89 10.99
CA LYS C 207 -3.77 -8.95 10.28
C LYS C 207 -4.60 -10.20 10.58
N PRO C 208 -3.95 -11.37 10.76
CA PRO C 208 -4.72 -12.55 11.13
C PRO C 208 -5.59 -12.38 12.39
N SER C 209 -5.18 -11.52 13.32
CA SER C 209 -6.05 -11.23 14.47
C SER C 209 -6.71 -9.85 14.38
N ASN C 210 -6.58 -9.17 13.23
CA ASN C 210 -7.12 -7.82 13.09
C ASN C 210 -6.71 -6.84 14.21
N THR C 211 -5.44 -6.95 14.59
CA THR C 211 -4.91 -6.10 15.64
C THR C 211 -3.73 -5.31 15.12
N LYS C 212 -3.73 -4.01 15.39
CA LYS C 212 -2.52 -3.16 15.31
C LYS C 212 -2.15 -2.72 16.71
N VAL C 213 -0.84 -2.78 17.00
CA VAL C 213 -0.27 -2.29 18.23
C VAL C 213 0.86 -1.31 17.92
N ASP C 214 0.84 -0.18 18.61
CA ASP C 214 1.92 0.81 18.52
C ASP C 214 2.49 0.98 19.91
N LYS C 215 3.81 1.03 19.98
CA LYS C 215 4.49 1.06 21.26
C LYS C 215 5.59 2.09 21.23
N LYS C 216 5.45 3.09 22.09
CA LYS C 216 6.44 4.13 22.30
C LYS C 216 7.66 3.57 23.03
N VAL C 217 8.85 3.70 22.43
CA VAL C 217 10.07 3.20 23.07
C VAL C 217 10.87 4.37 23.61
N GLU C 218 10.89 4.47 24.93
CA GLU C 218 11.57 5.55 25.65
C GLU C 218 12.80 5.09 26.44
N PRO C 219 13.79 6.00 26.62
CA PRO C 219 14.98 5.71 27.43
C PRO C 219 14.64 5.19 28.84
N LYS C 220 15.46 4.24 29.33
CA LYS C 220 15.26 3.54 30.60
C LYS C 220 15.61 4.42 31.78
N ASP D 1 8.29 -44.99 -5.86
CA ASP D 1 8.22 -43.69 -6.57
C ASP D 1 9.62 -43.31 -7.07
N ILE D 2 9.68 -42.62 -8.21
CA ILE D 2 10.94 -42.16 -8.78
C ILE D 2 11.52 -40.96 -8.03
N GLN D 3 12.69 -41.13 -7.40
CA GLN D 3 13.37 -40.02 -6.74
C GLN D 3 14.18 -39.19 -7.74
N MET D 4 14.13 -37.88 -7.56
CA MET D 4 14.90 -36.93 -8.38
C MET D 4 15.86 -36.18 -7.45
N THR D 5 17.16 -36.36 -7.64
CA THR D 5 18.16 -35.82 -6.71
C THR D 5 19.04 -34.76 -7.37
N GLN D 6 18.86 -33.50 -6.98
CA GLN D 6 19.61 -32.40 -7.56
C GLN D 6 20.85 -32.10 -6.75
N SER D 7 21.86 -31.55 -7.42
CA SER D 7 23.06 -31.05 -6.73
C SER D 7 23.67 -29.88 -7.51
N PRO D 8 24.27 -28.91 -6.78
CA PRO D 8 24.28 -28.87 -5.32
C PRO D 8 22.90 -28.55 -4.83
N SER D 9 22.74 -28.55 -3.51
CA SER D 9 21.49 -28.11 -2.89
C SER D 9 21.39 -26.60 -2.91
N SER D 10 22.54 -25.93 -2.89
CA SER D 10 22.55 -24.47 -2.96
C SER D 10 23.91 -24.03 -3.45
N LEU D 11 23.98 -22.84 -4.02
CA LEU D 11 25.26 -22.28 -4.42
C LEU D 11 25.19 -20.77 -4.37
N SER D 12 26.37 -20.13 -4.27
CA SER D 12 26.46 -18.68 -4.34
C SER D 12 27.11 -18.32 -5.64
N ALA D 13 26.62 -17.27 -6.31
CA ALA D 13 27.23 -16.92 -7.60
C ALA D 13 27.03 -15.44 -7.85
N SER D 14 27.74 -14.94 -8.84
CA SER D 14 27.71 -13.52 -9.13
C SER D 14 27.12 -13.32 -10.49
N VAL D 15 26.42 -12.22 -10.66
CA VAL D 15 25.96 -11.84 -11.99
C VAL D 15 27.08 -12.09 -12.99
N GLY D 16 26.73 -12.75 -14.09
CA GLY D 16 27.68 -13.04 -15.14
C GLY D 16 28.33 -14.39 -15.02
N ASP D 17 28.09 -15.11 -13.91
CA ASP D 17 28.71 -16.44 -13.78
C ASP D 17 27.94 -17.47 -14.60
N ARG D 18 28.65 -18.55 -14.98
CA ARG D 18 28.03 -19.68 -15.61
C ARG D 18 27.58 -20.60 -14.49
N VAL D 19 26.29 -20.92 -14.47
CA VAL D 19 25.76 -21.83 -13.45
C VAL D 19 25.28 -23.15 -14.07
N THR D 20 25.72 -24.25 -13.44
CA THR D 20 25.34 -25.60 -13.84
C THR D 20 24.69 -26.38 -12.69
N ILE D 21 23.48 -26.86 -12.93
CA ILE D 21 22.74 -27.61 -11.92
C ILE D 21 22.46 -29.02 -12.45
N THR D 22 22.64 -30.03 -11.61
CA THR D 22 22.40 -31.40 -12.05
C THR D 22 21.24 -32.06 -11.31
N CYS D 23 20.59 -32.99 -12.00
CA CYS D 23 19.43 -33.72 -11.47
C CYS D 23 19.52 -35.20 -11.87
N LYS D 24 19.59 -36.06 -10.88
CA LYS D 24 19.87 -37.47 -11.15
C LYS D 24 18.59 -38.26 -10.85
N ALA D 25 18.09 -38.97 -11.85
CA ALA D 25 16.84 -39.69 -11.71
C ALA D 25 17.10 -41.09 -11.16
N SER D 26 16.24 -41.52 -10.24
CA SER D 26 16.17 -42.88 -9.69
C SER D 26 16.17 -44.02 -10.71
N GLN D 27 15.63 -43.76 -11.90
CA GLN D 27 15.66 -44.71 -13.01
C GLN D 27 15.32 -44.00 -14.29
N ASP D 28 15.38 -44.72 -15.41
CA ASP D 28 15.15 -44.18 -16.75
C ASP D 28 13.88 -43.36 -16.90
N VAL D 29 14.04 -42.13 -17.37
CA VAL D 29 12.92 -41.21 -17.39
C VAL D 29 12.94 -40.56 -18.79
N SER D 30 13.81 -41.10 -19.65
CA SER D 30 13.86 -40.70 -21.07
C SER D 30 14.15 -39.21 -21.17
N ILE D 31 13.40 -38.46 -21.96
CA ILE D 31 13.55 -37.01 -22.01
C ILE D 31 12.42 -36.26 -21.23
N GLY D 32 11.68 -36.97 -20.39
CA GLY D 32 10.53 -36.38 -19.72
C GLY D 32 10.83 -35.57 -18.45
N VAL D 33 11.67 -34.55 -18.60
CA VAL D 33 12.12 -33.73 -17.50
C VAL D 33 11.83 -32.26 -17.80
N ALA D 34 11.30 -31.55 -16.82
CA ALA D 34 11.06 -30.10 -16.94
C ALA D 34 11.90 -29.40 -15.87
N TRP D 35 12.19 -28.12 -16.05
CA TRP D 35 12.90 -27.32 -15.05
C TRP D 35 12.12 -26.09 -14.76
N TYR D 36 12.03 -25.75 -13.48
CA TYR D 36 11.26 -24.58 -13.08
C TYR D 36 12.11 -23.65 -12.25
N GLN D 37 11.74 -22.39 -12.26
CA GLN D 37 12.30 -21.37 -11.38
C GLN D 37 11.26 -20.92 -10.36
N ARG D 38 11.64 -20.89 -9.09
CA ARG D 38 10.73 -20.45 -8.04
C ARG D 38 11.32 -19.38 -7.13
N LYS D 39 10.67 -18.23 -7.07
CA LYS D 39 11.10 -17.19 -6.17
C LYS D 39 10.19 -17.20 -4.96
N PRO D 40 10.68 -16.65 -3.83
CA PRO D 40 9.90 -16.65 -2.57
C PRO D 40 8.46 -16.15 -2.74
N GLY D 41 7.52 -16.95 -2.23
CA GLY D 41 6.11 -16.65 -2.31
C GLY D 41 5.49 -16.54 -3.70
N LYS D 42 6.16 -17.04 -4.72
CA LYS D 42 5.61 -17.03 -6.09
C LYS D 42 5.43 -18.45 -6.66
N ALA D 43 4.54 -18.60 -7.64
CA ALA D 43 4.40 -19.89 -8.29
C ALA D 43 5.69 -20.18 -8.99
N PRO D 44 6.07 -21.46 -9.04
CA PRO D 44 7.14 -21.89 -9.97
C PRO D 44 6.85 -21.44 -11.41
N LYS D 45 7.91 -21.15 -12.15
CA LYS D 45 7.84 -20.77 -13.56
C LYS D 45 8.56 -21.80 -14.41
N LEU D 46 7.85 -22.31 -15.41
CA LEU D 46 8.43 -23.31 -16.28
C LEU D 46 9.55 -22.71 -17.14
N LEU D 47 10.69 -23.38 -17.19
CA LEU D 47 11.81 -22.96 -18.07
C LEU D 47 12.06 -23.91 -19.23
N ILE D 48 12.12 -25.19 -18.92
CA ILE D 48 12.60 -26.21 -19.83
C ILE D 48 11.62 -27.41 -19.77
N TYR D 49 11.33 -28.02 -20.92
CA TYR D 49 10.54 -29.24 -20.98
C TYR D 49 11.23 -30.22 -21.93
N SER D 50 10.80 -31.48 -21.93
CA SER D 50 11.41 -32.52 -22.75
C SER D 50 12.91 -32.45 -22.61
N ALA D 51 13.37 -32.15 -21.41
CA ALA D 51 14.82 -32.09 -21.13
C ALA D 51 15.63 -30.94 -21.76
N SER D 52 15.40 -30.60 -23.02
CA SER D 52 16.27 -29.61 -23.71
C SER D 52 15.55 -28.47 -24.39
N TYR D 53 14.22 -28.41 -24.28
CA TYR D 53 13.52 -27.36 -24.98
C TYR D 53 13.16 -26.25 -24.05
N ARG D 54 13.43 -25.04 -24.52
CA ARG D 54 13.11 -23.83 -23.84
C ARG D 54 11.62 -23.49 -24.04
N TYR D 55 10.90 -23.20 -22.96
CA TYR D 55 9.52 -22.76 -23.03
C TYR D 55 9.51 -21.38 -23.67
N THR D 56 8.43 -21.05 -24.37
CA THR D 56 8.40 -19.81 -25.14
C THR D 56 8.47 -18.62 -24.19
N GLY D 57 9.27 -17.63 -24.58
CA GLY D 57 9.46 -16.44 -23.76
C GLY D 57 10.65 -16.51 -22.82
N VAL D 58 11.15 -17.71 -22.55
CA VAL D 58 12.28 -17.92 -21.63
C VAL D 58 13.61 -17.51 -22.28
N PRO D 59 14.39 -16.62 -21.64
CA PRO D 59 15.64 -16.10 -22.22
C PRO D 59 16.57 -17.21 -22.67
N SER D 60 17.30 -17.00 -23.77
CA SER D 60 18.18 -18.05 -24.29
C SER D 60 19.35 -18.43 -23.38
N ARG D 61 19.62 -17.63 -22.34
CA ARG D 61 20.70 -18.00 -21.42
C ARG D 61 20.41 -19.29 -20.65
N PHE D 62 19.14 -19.69 -20.56
CA PHE D 62 18.78 -20.98 -19.94
C PHE D 62 18.78 -22.07 -20.98
N SER D 63 19.37 -23.21 -20.66
CA SER D 63 19.29 -24.36 -21.54
C SER D 63 19.40 -25.62 -20.67
N GLY D 64 18.93 -26.75 -21.19
CA GLY D 64 18.99 -28.01 -20.46
C GLY D 64 19.49 -29.13 -21.33
N SER D 65 20.00 -30.21 -20.73
CA SER D 65 20.35 -31.39 -21.50
C SER D 65 20.28 -32.65 -20.65
N GLY D 66 20.40 -33.79 -21.31
CA GLY D 66 20.39 -35.08 -20.64
C GLY D 66 19.24 -35.92 -21.19
N SER D 67 19.34 -37.24 -20.99
CA SER D 67 18.26 -38.15 -21.23
C SER D 67 18.56 -39.38 -20.39
N GLY D 68 17.54 -40.14 -20.04
CA GLY D 68 17.73 -41.35 -19.22
C GLY D 68 17.66 -40.97 -17.75
N THR D 69 18.82 -40.74 -17.12
CA THR D 69 18.85 -40.49 -15.68
C THR D 69 19.60 -39.21 -15.27
N ASP D 70 20.46 -38.70 -16.17
CA ASP D 70 21.33 -37.57 -15.89
C ASP D 70 20.92 -36.32 -16.66
N PHE D 71 20.46 -35.30 -15.93
CA PHE D 71 19.98 -34.05 -16.53
C PHE D 71 20.71 -32.85 -15.99
N THR D 72 20.84 -31.83 -16.84
CA THR D 72 21.58 -30.66 -16.52
C THR D 72 20.83 -29.42 -16.93
N LEU D 73 20.71 -28.49 -15.98
CA LEU D 73 20.30 -27.14 -16.28
C LEU D 73 21.52 -26.23 -16.24
N THR D 74 21.64 -25.37 -17.26
CA THR D 74 22.74 -24.44 -17.38
C THR D 74 22.22 -23.03 -17.63
N ILE D 75 22.78 -22.07 -16.92
CA ILE D 75 22.46 -20.68 -17.12
C ILE D 75 23.79 -20.13 -17.60
N SER D 76 23.84 -19.69 -18.85
CA SER D 76 25.12 -19.36 -19.48
C SER D 76 25.80 -18.19 -18.76
N SER D 77 25.01 -17.16 -18.46
CA SER D 77 25.48 -16.00 -17.74
C SER D 77 24.38 -15.56 -16.79
N LEU D 78 24.55 -15.89 -15.51
CA LEU D 78 23.58 -15.50 -14.48
C LEU D 78 23.27 -14.00 -14.50
N GLN D 79 21.99 -13.65 -14.59
CA GLN D 79 21.49 -12.27 -14.60
C GLN D 79 20.84 -11.88 -13.27
N PRO D 80 20.71 -10.55 -12.97
CA PRO D 80 20.23 -10.09 -11.67
C PRO D 80 18.91 -10.71 -11.24
N GLU D 81 18.03 -11.02 -12.19
CA GLU D 81 16.72 -11.51 -11.85
C GLU D 81 16.68 -13.05 -11.77
N ASP D 82 17.86 -13.68 -11.87
CA ASP D 82 17.96 -15.14 -11.91
C ASP D 82 18.19 -15.80 -10.53
N PHE D 83 18.31 -15.01 -9.48
CA PHE D 83 18.52 -15.63 -8.15
C PHE D 83 17.21 -16.21 -7.66
N ALA D 84 17.21 -17.49 -7.26
CA ALA D 84 15.94 -18.20 -7.08
C ALA D 84 16.27 -19.63 -6.74
N THR D 85 15.25 -20.45 -6.54
CA THR D 85 15.42 -21.88 -6.36
C THR D 85 14.93 -22.57 -7.65
N TYR D 86 15.72 -23.49 -8.14
CA TYR D 86 15.43 -24.20 -9.39
C TYR D 86 15.09 -25.63 -9.08
N TYR D 87 14.00 -26.13 -9.67
CA TYR D 87 13.59 -27.52 -9.45
C TYR D 87 13.53 -28.24 -10.79
N CYS D 88 14.04 -29.48 -10.81
CA CYS D 88 13.78 -30.40 -11.95
C CYS D 88 12.50 -31.17 -11.61
N GLN D 89 11.83 -31.70 -12.63
CA GLN D 89 10.66 -32.57 -12.43
C GLN D 89 10.62 -33.67 -13.48
N GLN D 90 10.43 -34.91 -13.07
CA GLN D 90 10.10 -35.94 -14.08
C GLN D 90 8.59 -35.98 -14.26
N TYR D 91 8.17 -36.14 -15.50
CA TYR D 91 6.76 -36.31 -15.83
C TYR D 91 6.63 -37.50 -16.76
N TYR D 92 7.72 -38.25 -16.87
CA TYR D 92 7.73 -39.49 -17.63
C TYR D 92 6.63 -40.44 -17.11
N ILE D 93 6.46 -40.48 -15.79
CA ILE D 93 5.56 -41.46 -15.18
C ILE D 93 4.97 -41.06 -13.82
N TYR D 94 3.71 -41.45 -13.60
CA TYR D 94 3.02 -41.33 -12.31
C TYR D 94 3.72 -42.15 -11.22
N PRO D 95 3.90 -41.57 -10.01
CA PRO D 95 3.55 -40.22 -9.56
C PRO D 95 4.64 -39.26 -9.97
N TYR D 96 4.26 -38.10 -10.47
CA TYR D 96 5.21 -37.17 -11.08
C TYR D 96 6.01 -36.55 -9.95
N THR D 97 7.33 -36.47 -10.15
CA THR D 97 8.25 -36.14 -9.04
C THR D 97 9.17 -34.96 -9.29
N PHE D 98 9.30 -34.13 -8.27
CA PHE D 98 10.21 -32.99 -8.28
C PHE D 98 11.49 -33.28 -7.54
N GLY D 99 12.59 -32.70 -8.00
CA GLY D 99 13.83 -32.67 -7.23
C GLY D 99 13.64 -31.82 -5.99
N GLN D 100 14.62 -31.88 -5.08
CA GLN D 100 14.54 -31.16 -3.79
C GLN D 100 14.83 -29.67 -3.97
N GLY D 101 15.31 -29.30 -5.15
CA GLY D 101 15.60 -27.88 -5.46
C GLY D 101 17.06 -27.50 -5.23
N THR D 102 17.48 -26.44 -5.91
CA THR D 102 18.83 -25.89 -5.81
C THR D 102 18.66 -24.38 -5.68
N LYS D 103 19.04 -23.83 -4.54
CA LYS D 103 18.88 -22.41 -4.31
C LYS D 103 20.11 -21.65 -4.88
N VAL D 104 19.89 -20.72 -5.81
CA VAL D 104 20.98 -19.91 -6.35
C VAL D 104 20.94 -18.59 -5.61
N GLU D 105 21.99 -18.33 -4.84
CA GLU D 105 22.07 -17.14 -3.95
C GLU D 105 23.16 -16.18 -4.46
N ILE D 106 23.00 -14.88 -4.17
CA ILE D 106 23.98 -13.84 -4.47
C ILE D 106 25.22 -14.01 -3.59
N LYS D 107 26.39 -14.15 -4.21
CA LYS D 107 27.67 -14.25 -3.51
C LYS D 107 27.95 -12.89 -2.86
N GLY D 108 28.27 -12.92 -1.58
CA GLY D 108 28.56 -11.70 -0.85
C GLY D 108 30.04 -11.70 -0.49
N GLN D 109 30.45 -10.66 0.24
CA GLN D 109 31.83 -10.51 0.72
C GLN D 109 31.93 -10.97 2.19
N PRO D 110 32.96 -11.75 2.53
CA PRO D 110 33.06 -12.25 3.91
C PRO D 110 33.17 -11.14 4.97
N LYS D 111 32.63 -11.42 6.16
CA LYS D 111 32.90 -10.60 7.31
C LYS D 111 32.89 -11.56 8.49
N ALA D 112 34.01 -11.65 9.23
CA ALA D 112 34.14 -12.65 10.30
C ALA D 112 33.44 -12.29 11.62
N ALA D 113 33.60 -11.06 12.11
CA ALA D 113 33.01 -10.72 13.40
C ALA D 113 31.58 -10.22 13.23
N PRO D 114 30.60 -10.92 13.82
CA PRO D 114 29.24 -10.39 13.70
C PRO D 114 29.07 -9.19 14.60
N SER D 115 28.15 -8.31 14.22
CA SER D 115 27.67 -7.31 15.13
C SER D 115 26.60 -7.95 16.05
N VAL D 116 26.72 -7.70 17.35
CA VAL D 116 25.83 -8.30 18.35
C VAL D 116 25.20 -7.21 19.21
N THR D 117 23.87 -7.18 19.25
CA THR D 117 23.13 -6.32 20.16
C THR D 117 22.33 -7.20 21.12
N LEU D 118 22.41 -6.90 22.42
CA LEU D 118 21.72 -7.72 23.42
C LEU D 118 20.78 -6.82 24.27
N PHE D 119 19.49 -7.15 24.29
CA PHE D 119 18.55 -6.38 25.11
C PHE D 119 18.11 -7.21 26.33
N PRO D 120 18.13 -6.59 27.54
CA PRO D 120 17.60 -7.27 28.73
C PRO D 120 16.04 -7.22 28.69
N PRO D 121 15.36 -8.00 29.56
CA PRO D 121 13.88 -7.86 29.65
C PRO D 121 13.43 -6.43 29.93
N SER D 122 12.29 -6.04 29.36
CA SER D 122 11.73 -4.71 29.63
C SER D 122 11.01 -4.78 30.95
N SER D 123 10.90 -3.65 31.62
CA SER D 123 10.14 -3.62 32.89
C SER D 123 8.69 -4.05 32.64
N GLU D 124 8.12 -3.53 31.55
CA GLU D 124 6.82 -3.98 31.07
C GLU D 124 6.65 -5.51 31.08
N GLU D 125 7.61 -6.24 30.52
CA GLU D 125 7.43 -7.67 30.43
C GLU D 125 7.63 -8.34 31.78
N LEU D 126 8.56 -7.76 32.55
CA LEU D 126 8.76 -8.18 33.94
C LEU D 126 7.46 -7.96 34.75
N GLN D 127 6.80 -6.82 34.52
CA GLN D 127 5.51 -6.57 35.19
C GLN D 127 4.44 -7.61 34.85
N ALA D 128 4.58 -8.22 33.67
CA ALA D 128 3.68 -9.26 33.19
C ALA D 128 4.20 -10.64 33.60
N ASN D 129 5.12 -10.67 34.55
CA ASN D 129 5.68 -11.93 35.06
C ASN D 129 6.41 -12.77 34.02
N LYS D 130 7.08 -12.12 33.08
CA LYS D 130 7.88 -12.87 32.11
C LYS D 130 9.20 -12.19 31.88
N ALA D 131 10.16 -12.91 31.31
CA ALA D 131 11.46 -12.32 30.95
C ALA D 131 12.03 -12.98 29.71
N THR D 132 12.43 -12.15 28.76
CA THR D 132 13.10 -12.60 27.54
C THR D 132 14.30 -11.70 27.31
N LEU D 133 15.42 -12.32 26.99
CA LEU D 133 16.61 -11.64 26.55
C LEU D 133 16.67 -11.82 25.05
N VAL D 134 16.93 -10.71 24.35
CA VAL D 134 16.90 -10.68 22.92
C VAL D 134 18.32 -10.39 22.39
N CYS D 135 18.88 -11.35 21.67
CA CYS D 135 20.21 -11.20 21.10
C CYS D 135 20.11 -11.14 19.59
N LEU D 136 20.41 -9.97 19.05
CA LEU D 136 20.35 -9.71 17.62
C LEU D 136 21.75 -9.71 16.98
N ILE D 137 21.89 -10.52 15.93
CA ILE D 137 23.19 -10.82 15.35
C ILE D 137 23.13 -10.51 13.87
N SER D 138 24.09 -9.74 13.39
CA SER D 138 23.98 -9.20 12.04
C SER D 138 25.32 -8.93 11.39
N ASP D 139 25.29 -8.69 10.09
CA ASP D 139 26.46 -8.30 9.32
C ASP D 139 27.60 -9.33 9.40
N PHE D 140 27.29 -10.62 9.22
CA PHE D 140 28.32 -11.62 9.08
C PHE D 140 28.16 -12.40 7.78
N TYR D 141 29.25 -12.94 7.27
CA TYR D 141 29.19 -13.73 6.03
C TYR D 141 30.41 -14.66 5.96
N PRO D 142 30.21 -15.96 5.64
CA PRO D 142 29.00 -16.73 5.26
C PRO D 142 28.02 -16.95 6.40
N GLY D 143 26.95 -17.69 6.11
CA GLY D 143 25.81 -17.81 7.00
C GLY D 143 25.96 -18.57 8.31
N ALA D 144 26.91 -19.49 8.39
CA ALA D 144 27.01 -20.37 9.58
C ALA D 144 27.48 -19.66 10.87
N VAL D 145 26.69 -19.74 11.95
CA VAL D 145 27.06 -19.21 13.29
C VAL D 145 26.60 -20.09 14.45
N THR D 146 27.31 -19.99 15.57
CA THR D 146 26.95 -20.70 16.81
C THR D 146 26.56 -19.69 17.89
N VAL D 147 25.47 -19.95 18.61
CA VAL D 147 25.09 -19.11 19.72
C VAL D 147 25.13 -19.89 21.01
N ALA D 148 25.76 -19.30 22.03
CA ALA D 148 25.68 -19.83 23.35
C ALA D 148 25.17 -18.75 24.26
N TRP D 149 24.37 -19.16 25.24
CA TRP D 149 23.91 -18.30 26.29
C TRP D 149 24.47 -18.68 27.62
N LYS D 150 24.72 -17.67 28.46
CA LYS D 150 25.29 -17.93 29.77
C LYS D 150 24.54 -17.22 30.87
N ALA D 151 24.31 -17.96 31.96
CA ALA D 151 23.90 -17.38 33.25
C ALA D 151 25.18 -17.22 34.08
N ASP D 152 25.50 -15.97 34.41
CA ASP D 152 26.85 -15.60 34.87
C ASP D 152 27.91 -16.20 33.92
N SER D 153 28.62 -17.24 34.35
CA SER D 153 29.67 -17.90 33.53
C SER D 153 29.28 -19.29 33.06
N SER D 154 28.14 -19.80 33.52
CA SER D 154 27.68 -21.14 33.15
C SER D 154 26.79 -21.11 31.91
N PRO D 155 26.96 -22.08 31.00
CA PRO D 155 26.06 -22.22 29.84
C PRO D 155 24.60 -22.51 30.23
N VAL D 156 23.66 -22.01 29.42
CA VAL D 156 22.25 -22.29 29.58
C VAL D 156 21.72 -22.81 28.26
N LYS D 157 21.26 -24.06 28.25
CA LYS D 157 20.76 -24.65 27.00
C LYS D 157 19.24 -24.58 26.89
N ALA D 158 18.57 -24.47 28.06
CA ALA D 158 17.11 -24.44 28.16
C ALA D 158 16.56 -23.04 27.91
N GLY D 159 15.36 -22.97 27.34
CA GLY D 159 14.68 -21.70 27.05
C GLY D 159 15.18 -20.89 25.85
N VAL D 160 15.98 -21.53 24.99
CA VAL D 160 16.66 -20.88 23.85
C VAL D 160 15.96 -21.13 22.52
N GLU D 161 15.72 -20.06 21.75
CA GLU D 161 15.28 -20.22 20.36
C GLU D 161 16.15 -19.31 19.50
N THR D 162 16.65 -19.84 18.39
CA THR D 162 17.54 -19.10 17.48
C THR D 162 17.08 -19.24 16.02
N THR D 163 16.93 -18.12 15.32
CA THR D 163 16.52 -18.21 13.93
C THR D 163 17.64 -18.77 13.06
N THR D 164 17.27 -19.46 11.98
CA THR D 164 18.21 -19.80 10.93
C THR D 164 18.65 -18.48 10.28
N PRO D 165 19.96 -18.33 10.05
CA PRO D 165 20.47 -17.08 9.48
C PRO D 165 19.83 -16.78 8.13
N SER D 166 19.60 -15.51 7.83
CA SER D 166 19.02 -15.17 6.54
C SER D 166 19.62 -13.85 6.15
N LYS D 167 19.60 -13.53 4.88
CA LYS D 167 20.33 -12.38 4.34
C LYS D 167 19.59 -11.09 4.57
N GLN D 168 20.31 -10.04 4.90
CA GLN D 168 19.72 -8.70 4.93
C GLN D 168 19.98 -8.03 3.58
N SER D 169 19.51 -6.80 3.41
CA SER D 169 19.61 -6.12 2.14
C SER D 169 21.05 -5.84 1.74
N ASN D 170 21.96 -5.82 2.71
CA ASN D 170 23.39 -5.58 2.45
C ASN D 170 24.09 -6.86 1.97
N ASN D 171 23.28 -7.88 1.75
CA ASN D 171 23.78 -9.17 1.29
C ASN D 171 24.67 -9.90 2.32
N LYS D 172 24.53 -9.52 3.59
CA LYS D 172 25.10 -10.30 4.66
C LYS D 172 24.01 -10.88 5.54
N TYR D 173 24.40 -11.85 6.34
CA TYR D 173 23.46 -12.59 7.12
C TYR D 173 23.14 -11.96 8.49
N ALA D 174 22.01 -12.36 9.01
CA ALA D 174 21.53 -11.94 10.33
C ALA D 174 20.81 -13.12 10.91
N ALA D 175 20.82 -13.19 12.23
CA ALA D 175 20.06 -14.14 12.98
C ALA D 175 19.66 -13.44 14.27
N SER D 176 18.70 -14.03 14.97
CA SER D 176 18.30 -13.56 16.29
C SER D 176 18.16 -14.80 17.15
N SER D 177 18.52 -14.66 18.43
CA SER D 177 18.38 -15.72 19.42
C SER D 177 17.69 -15.14 20.68
N TYR D 178 16.90 -15.96 21.39
CA TYR D 178 16.11 -15.48 22.53
C TYR D 178 16.31 -16.41 23.70
N LEU D 179 16.45 -15.84 24.90
CA LEU D 179 16.48 -16.69 26.08
C LEU D 179 15.24 -16.35 26.93
N SER D 180 14.43 -17.37 27.16
CA SER D 180 13.26 -17.24 28.00
C SER D 180 13.64 -17.60 29.43
N LEU D 181 13.34 -16.70 30.37
CA LEU D 181 13.64 -16.83 31.80
C LEU D 181 12.42 -16.45 32.64
N THR D 182 12.32 -17.01 33.85
CA THR D 182 11.41 -16.45 34.84
C THR D 182 12.00 -15.13 35.32
N PRO D 183 11.15 -14.23 35.81
CA PRO D 183 11.69 -12.98 36.38
C PRO D 183 12.64 -13.21 37.56
N GLU D 184 12.42 -14.29 38.28
CA GLU D 184 13.29 -14.70 39.38
C GLU D 184 14.73 -14.86 38.88
N GLN D 185 14.93 -15.74 37.88
CA GLN D 185 16.25 -16.02 37.35
C GLN D 185 16.95 -14.75 36.86
N TRP D 186 16.20 -13.91 36.17
CA TRP D 186 16.76 -12.66 35.70
C TRP D 186 17.31 -11.87 36.88
N LYS D 187 16.49 -11.68 37.92
CA LYS D 187 16.83 -10.72 38.98
C LYS D 187 17.90 -11.22 39.92
N SER D 188 18.06 -12.54 40.00
CA SER D 188 18.91 -13.18 40.99
C SER D 188 20.37 -13.40 40.57
N HIS D 189 20.62 -13.51 39.26
CA HIS D 189 21.99 -13.72 38.75
C HIS D 189 22.71 -12.42 38.62
N ARG D 190 24.03 -12.42 38.71
CA ARG D 190 24.74 -11.15 38.52
C ARG D 190 24.64 -10.66 37.08
N SER D 191 24.61 -11.56 36.10
CA SER D 191 24.50 -11.14 34.69
C SER D 191 24.11 -12.26 33.78
N TYR D 192 23.71 -11.92 32.54
CA TYR D 192 23.50 -12.93 31.49
C TYR D 192 24.25 -12.51 30.21
N SER D 193 24.68 -13.49 29.42
CA SER D 193 25.50 -13.22 28.24
C SER D 193 25.04 -13.95 27.00
N CYS D 194 25.13 -13.26 25.87
CA CYS D 194 24.92 -13.89 24.58
C CYS D 194 26.27 -13.95 23.87
N GLN D 195 26.69 -15.14 23.48
CA GLN D 195 28.00 -15.33 22.87
C GLN D 195 27.89 -15.97 21.50
N VAL D 196 28.35 -15.25 20.49
CA VAL D 196 28.22 -15.64 19.10
C VAL D 196 29.58 -15.93 18.47
N THR D 197 29.68 -17.12 17.88
CA THR D 197 30.92 -17.56 17.22
C THR D 197 30.68 -17.70 15.71
N HIS D 198 31.56 -17.08 14.93
CA HIS D 198 31.52 -17.08 13.46
C HIS D 198 32.94 -17.15 12.99
N GLU D 199 33.28 -18.18 12.22
CA GLU D 199 34.68 -18.38 11.81
C GLU D 199 35.56 -18.46 13.05
N GLY D 200 36.63 -17.68 13.05
CA GLY D 200 37.47 -17.56 14.24
C GLY D 200 37.17 -16.32 15.07
N SER D 201 36.00 -15.71 14.87
CA SER D 201 35.59 -14.57 15.69
C SER D 201 34.50 -14.96 16.70
N THR D 202 34.73 -14.64 17.98
CA THR D 202 33.68 -14.71 19.00
C THR D 202 33.36 -13.34 19.54
N VAL D 203 32.07 -13.00 19.46
CA VAL D 203 31.56 -11.78 20.04
C VAL D 203 30.54 -12.10 21.15
N GLU D 204 30.79 -11.53 22.32
CA GLU D 204 29.96 -11.77 23.46
C GLU D 204 29.43 -10.48 24.09
N LYS D 205 28.11 -10.41 24.26
CA LYS D 205 27.47 -9.31 24.98
C LYS D 205 26.91 -9.76 26.32
N THR D 206 26.91 -8.84 27.27
CA THR D 206 26.48 -9.14 28.62
C THR D 206 25.55 -8.07 29.13
N VAL D 207 24.52 -8.52 29.87
CA VAL D 207 23.60 -7.59 30.48
C VAL D 207 23.32 -7.99 31.92
N ALA D 208 22.92 -7.00 32.71
CA ALA D 208 22.80 -7.13 34.17
C ALA D 208 21.52 -6.42 34.65
N PRO D 209 20.79 -7.03 35.63
CA PRO D 209 19.55 -6.43 36.17
C PRO D 209 19.79 -5.12 36.91
#